data_7QQ6
#
_entry.id   7QQ6
#
_cell.length_a   155.420
_cell.length_b   162.600
_cell.length_c   123.890
_cell.angle_alpha   90.000
_cell.angle_beta   90.000
_cell.angle_gamma   90.000
#
_symmetry.space_group_name_H-M   'C 2 2 21'
#
loop_
_entity.id
_entity.type
_entity.pdbx_description
1 polymer 'eIF-2-alpha kinase GCN2'
2 non-polymer 4-amino-5-fluoro-3-[5-(4-methylpiperazin-1-yl)-1H-benzimidazol-2-yl]quinolin-2(1H)-one
3 water water
#
_entity_poly.entity_id   1
_entity_poly.type   'polypeptide(L)'
_entity_poly.pdbx_seq_one_letter_code
;GSSETQRQFSRYFIEFEELQLLGKGAFGAVIKVQNKLDGCCYAVKRIPINPASRQFRRIKGEVTLLSRLHHENIVRYYNA
WIERHERPSVTTEAVHYLYIQMEYCEKSTLRDTIDQGLYRDTVRLWRLFREILDGLAYIHEKGMIHRNLKPVNIFLDSDD
HVKIGDFGLATDHLAFSADSKQDDQTGDLIKSDPSGHLTGMVGTALYVSPEVQGSTKSAYNQKVDLFSLGIIFFEMSYHP
MVTASERIFVLNQLRDPTSPKFPEDFDDGEHAKQKSVISWLLNHDPAKRPTATELLKSELLPPPQMEESELHEVLHHTLT
;
_entity_poly.pdbx_strand_id   A,B,C,D
#
loop_
_chem_comp.id
_chem_comp.type
_chem_comp.name
_chem_comp.formula
38O non-polymer 4-amino-5-fluoro-3-[5-(4-methylpiperazin-1-yl)-1H-benzimidazol-2-yl]quinolin-2(1H)-one 'C21 H21 F N6 O'
#
# COMPACT_ATOMS: atom_id res chain seq x y z
N SER A 10 -35.14 12.24 -5.75
CA SER A 10 -34.45 12.50 -4.48
C SER A 10 -34.71 11.41 -3.43
N ARG A 11 -33.64 10.63 -3.11
CA ARG A 11 -33.57 9.52 -2.16
C ARG A 11 -34.11 9.85 -0.78
N TYR A 12 -33.82 11.08 -0.29
CA TYR A 12 -34.26 11.58 1.01
C TYR A 12 -35.78 11.63 1.11
N PHE A 13 -36.47 12.33 0.19
CA PHE A 13 -37.93 12.49 0.22
C PHE A 13 -38.73 11.27 -0.21
N ILE A 14 -38.10 10.36 -0.96
CA ILE A 14 -38.79 9.17 -1.45
C ILE A 14 -38.62 7.97 -0.50
N GLU A 15 -37.47 7.86 0.20
CA GLU A 15 -37.20 6.73 1.09
C GLU A 15 -37.43 7.02 2.57
N PHE A 16 -37.33 8.31 2.97
CA PHE A 16 -37.50 8.72 4.38
C PHE A 16 -38.72 9.56 4.66
N GLU A 17 -39.30 9.32 5.83
CA GLU A 17 -40.46 10.03 6.36
C GLU A 17 -40.00 10.95 7.49
N GLU A 18 -39.86 12.27 7.22
CA GLU A 18 -39.50 13.35 8.18
C GLU A 18 -40.54 13.37 9.32
N LEU A 19 -40.06 13.25 10.57
CA LEU A 19 -40.88 13.16 11.78
C LEU A 19 -40.84 14.36 12.72
N GLN A 20 -39.65 14.96 12.91
CA GLN A 20 -39.38 16.02 13.89
C GLN A 20 -38.01 16.64 13.64
N LEU A 21 -37.88 17.96 13.79
CA LEU A 21 -36.57 18.61 13.67
C LEU A 21 -35.81 18.41 15.01
N LEU A 22 -34.55 17.91 14.96
CA LEU A 22 -33.75 17.64 16.18
C LEU A 22 -32.79 18.80 16.54
N GLY A 23 -32.26 19.47 15.52
CA GLY A 23 -31.36 20.62 15.63
C GLY A 23 -31.28 21.43 14.36
N LYS A 24 -30.82 22.68 14.47
CA LYS A 24 -30.67 23.65 13.38
C LYS A 24 -29.46 24.56 13.65
N GLY A 25 -28.96 25.23 12.60
CA GLY A 25 -27.83 26.14 12.72
C GLY A 25 -27.18 26.55 11.41
N ALA A 26 -25.91 27.02 11.52
CA ALA A 26 -25.03 27.47 10.42
C ALA A 26 -24.65 26.28 9.52
N PHE A 27 -24.45 25.08 10.13
CA PHE A 27 -24.12 23.81 9.46
C PHE A 27 -25.25 23.37 8.51
N GLY A 28 -26.48 23.54 8.98
CA GLY A 28 -27.72 23.13 8.34
C GLY A 28 -28.67 22.66 9.42
N ALA A 29 -29.12 21.40 9.34
CA ALA A 29 -30.04 20.82 10.31
C ALA A 29 -29.85 19.31 10.52
N VAL A 30 -30.49 18.77 11.57
CA VAL A 30 -30.54 17.35 11.96
C VAL A 30 -32.05 17.08 12.08
N ILE A 31 -32.55 16.02 11.40
CA ILE A 31 -33.97 15.66 11.37
C ILE A 31 -34.22 14.23 11.87
N LYS A 32 -35.27 14.02 12.67
CA LYS A 32 -35.69 12.68 13.11
C LYS A 32 -36.52 12.17 11.94
N VAL A 33 -36.06 11.10 11.29
CA VAL A 33 -36.76 10.56 10.13
C VAL A 33 -37.07 9.11 10.36
N GLN A 34 -37.91 8.55 9.51
CA GLN A 34 -38.26 7.15 9.58
C GLN A 34 -38.10 6.55 8.20
N ASN A 35 -37.24 5.55 8.06
CA ASN A 35 -37.05 4.91 6.76
C ASN A 35 -38.35 4.17 6.44
N LYS A 36 -38.87 4.39 5.23
CA LYS A 36 -40.13 3.77 4.83
C LYS A 36 -40.05 2.22 4.74
N LEU A 37 -38.88 1.68 4.32
CA LEU A 37 -38.66 0.24 4.18
C LEU A 37 -38.45 -0.52 5.52
N ASP A 38 -37.35 -0.26 6.30
CA ASP A 38 -37.08 -0.93 7.58
C ASP A 38 -38.04 -0.50 8.71
N GLY A 39 -38.36 0.79 8.78
CA GLY A 39 -39.29 1.30 9.78
C GLY A 39 -38.66 1.83 11.05
N CYS A 40 -37.34 2.07 11.00
CA CYS A 40 -36.52 2.59 12.10
C CYS A 40 -36.34 4.06 11.97
N CYS A 41 -36.18 4.73 13.12
CA CYS A 41 -35.89 6.15 13.13
C CYS A 41 -34.39 6.41 13.10
N TYR A 42 -34.03 7.53 12.46
CA TYR A 42 -32.67 7.97 12.23
C TYR A 42 -32.53 9.44 12.43
N ALA A 43 -31.30 9.90 12.62
CA ALA A 43 -31.01 11.31 12.73
C ALA A 43 -30.15 11.61 11.51
N VAL A 44 -30.80 12.10 10.42
CA VAL A 44 -30.18 12.47 9.15
C VAL A 44 -29.73 13.93 9.25
N LYS A 45 -28.43 14.18 9.02
CA LYS A 45 -27.82 15.51 9.08
C LYS A 45 -27.70 15.98 7.64
N ARG A 46 -28.48 17.03 7.27
CA ARG A 46 -28.45 17.62 5.92
C ARG A 46 -27.62 18.89 5.96
N ILE A 47 -26.53 18.92 5.17
CA ILE A 47 -25.60 20.04 5.09
C ILE A 47 -25.59 20.58 3.65
N PRO A 48 -25.88 21.88 3.43
CA PRO A 48 -25.81 22.41 2.06
C PRO A 48 -24.36 22.67 1.69
N ILE A 49 -23.89 22.00 0.63
CA ILE A 49 -22.48 22.06 0.22
C ILE A 49 -22.25 22.55 -1.21
N ASN A 50 -21.07 23.13 -1.43
CA ASN A 50 -20.57 23.54 -2.74
C ASN A 50 -19.51 22.45 -3.06
N PRO A 51 -19.79 21.49 -3.98
CA PRO A 51 -18.83 20.38 -4.21
C PRO A 51 -17.45 20.75 -4.78
N ALA A 52 -17.17 22.06 -4.93
CA ALA A 52 -15.90 22.58 -5.41
C ALA A 52 -15.10 23.22 -4.26
N SER A 53 -15.80 23.76 -3.25
CA SER A 53 -15.22 24.44 -2.08
C SER A 53 -14.34 23.56 -1.19
N ARG A 54 -13.48 24.20 -0.37
CA ARG A 54 -12.60 23.55 0.60
C ARG A 54 -13.45 23.00 1.79
N GLN A 55 -14.72 23.50 1.91
CA GLN A 55 -15.72 23.08 2.88
C GLN A 55 -16.11 21.64 2.53
N PHE A 56 -16.22 21.33 1.22
CA PHE A 56 -16.53 19.99 0.75
C PHE A 56 -15.40 19.01 1.09
N ARG A 57 -14.14 19.45 1.00
CA ARG A 57 -12.98 18.65 1.38
C ARG A 57 -12.98 18.33 2.89
N ARG A 58 -13.48 19.26 3.74
CA ARG A 58 -13.58 19.05 5.18
C ARG A 58 -14.72 18.08 5.55
N ILE A 59 -15.89 18.18 4.90
CA ILE A 59 -17.01 17.28 5.24
C ILE A 59 -16.78 15.89 4.68
N LYS A 60 -16.35 15.77 3.41
CA LYS A 60 -16.05 14.46 2.82
C LYS A 60 -14.95 13.75 3.63
N GLY A 61 -14.05 14.53 4.22
CA GLY A 61 -12.97 14.07 5.08
C GLY A 61 -13.47 13.54 6.40
N GLU A 62 -14.53 14.18 6.95
CA GLU A 62 -15.22 13.83 8.21
C GLU A 62 -16.15 12.63 7.99
N VAL A 63 -16.73 12.49 6.78
CA VAL A 63 -17.59 11.35 6.43
C VAL A 63 -16.71 10.10 6.37
N THR A 64 -15.51 10.21 5.76
CA THR A 64 -14.49 9.15 5.64
C THR A 64 -14.12 8.64 7.05
N LEU A 65 -13.78 9.57 7.97
CA LEU A 65 -13.34 9.27 9.32
C LEU A 65 -14.40 8.65 10.20
N LEU A 66 -15.64 9.14 10.11
CA LEU A 66 -16.80 8.66 10.86
C LEU A 66 -17.22 7.24 10.44
N SER A 67 -17.16 6.92 9.12
CA SER A 67 -17.54 5.63 8.54
C SER A 67 -16.62 4.51 8.97
N ARG A 68 -15.47 4.89 9.57
CA ARG A 68 -14.39 4.05 10.07
C ARG A 68 -14.38 3.94 11.60
N LEU A 69 -15.23 4.71 12.28
CA LEU A 69 -15.35 4.66 13.74
C LEU A 69 -16.37 3.58 14.10
N HIS A 70 -15.98 2.61 14.96
CA HIS A 70 -16.85 1.53 15.45
C HIS A 70 -16.68 1.38 16.96
N HIS A 71 -17.54 2.01 17.74
CA HIS A 71 -17.51 1.84 19.18
C HIS A 71 -18.92 1.86 19.67
N GLU A 72 -19.16 1.13 20.78
CA GLU A 72 -20.40 1.01 21.55
C GLU A 72 -20.83 2.35 22.14
N ASN A 73 -19.90 3.28 22.35
CA ASN A 73 -20.18 4.59 22.92
C ASN A 73 -20.02 5.72 21.89
N ILE A 74 -20.07 5.39 20.59
CA ILE A 74 -20.03 6.36 19.48
C ILE A 74 -21.38 6.20 18.78
N VAL A 75 -21.92 7.28 18.27
CA VAL A 75 -23.20 7.26 17.54
C VAL A 75 -22.94 6.50 16.21
N ARG A 76 -23.78 5.51 15.91
CA ARG A 76 -23.61 4.66 14.72
C ARG A 76 -23.88 5.41 13.41
N TYR A 77 -23.03 5.15 12.40
CA TYR A 77 -23.06 5.70 11.03
C TYR A 77 -23.84 4.68 10.17
N TYR A 78 -24.89 5.15 9.42
CA TYR A 78 -25.69 4.28 8.56
C TYR A 78 -25.39 4.48 7.04
N ASN A 79 -25.31 5.73 6.56
CA ASN A 79 -25.06 6.05 5.15
C ASN A 79 -24.84 7.56 4.95
N ALA A 80 -24.22 7.95 3.82
CA ALA A 80 -23.94 9.35 3.45
C ALA A 80 -23.98 9.50 1.95
N TRP A 81 -24.78 10.47 1.49
CA TRP A 81 -24.97 10.71 0.07
C TRP A 81 -25.21 12.17 -0.24
N ILE A 82 -24.80 12.60 -1.45
CA ILE A 82 -24.98 13.96 -1.95
C ILE A 82 -26.16 13.98 -2.92
N GLU A 83 -27.01 15.01 -2.79
CA GLU A 83 -28.15 15.26 -3.67
C GLU A 83 -28.05 16.65 -4.32
N ARG A 84 -28.49 16.78 -5.60
CA ARG A 84 -28.54 18.03 -6.35
C ARG A 84 -30.01 18.47 -6.48
N HIS A 85 -30.33 19.66 -5.92
CA HIS A 85 -31.67 20.26 -5.88
C HIS A 85 -31.85 21.33 -6.99
N GLU A 86 -33.11 21.44 -7.53
CA GLU A 86 -33.51 22.37 -8.60
C GLU A 86 -33.28 23.86 -8.29
N ARG A 87 -33.18 24.71 -9.35
CA ARG A 87 -32.96 26.16 -9.30
C ARG A 87 -33.78 26.87 -8.18
N PRO A 88 -33.11 27.36 -7.10
CA PRO A 88 -33.85 27.98 -5.98
C PRO A 88 -34.66 29.24 -6.30
N VAL A 95 -28.10 23.63 -6.76
CA VAL A 95 -27.77 23.68 -5.34
C VAL A 95 -27.62 22.24 -4.73
N HIS A 96 -26.51 22.00 -3.99
CA HIS A 96 -26.19 20.69 -3.43
C HIS A 96 -26.34 20.52 -1.94
N TYR A 97 -26.82 19.32 -1.53
CA TYR A 97 -27.01 18.90 -0.14
C TYR A 97 -26.34 17.57 0.14
N LEU A 98 -25.61 17.47 1.28
CA LEU A 98 -24.99 16.23 1.73
C LEU A 98 -25.75 15.72 2.94
N TYR A 99 -26.27 14.48 2.87
CA TYR A 99 -27.01 13.84 3.94
C TYR A 99 -26.14 12.81 4.61
N ILE A 100 -26.19 12.75 5.95
CA ILE A 100 -25.45 11.77 6.76
C ILE A 100 -26.49 11.14 7.67
N GLN A 101 -26.82 9.87 7.43
CA GLN A 101 -27.79 9.10 8.19
C GLN A 101 -27.07 8.43 9.34
N MET A 102 -27.50 8.74 10.56
CA MET A 102 -26.90 8.21 11.78
C MET A 102 -27.95 7.69 12.73
N GLU A 103 -27.56 7.03 13.84
CA GLU A 103 -28.56 6.43 14.73
C GLU A 103 -29.35 7.46 15.50
N TYR A 104 -30.60 7.10 15.82
CA TYR A 104 -31.49 7.91 16.62
C TYR A 104 -31.48 7.30 18.01
N CYS A 105 -30.92 8.06 18.96
CA CYS A 105 -30.80 7.69 20.37
C CYS A 105 -32.07 8.19 21.03
N GLU A 106 -32.99 7.26 21.23
CA GLU A 106 -34.34 7.44 21.73
C GLU A 106 -34.46 8.17 23.07
N LYS A 107 -33.62 7.80 24.05
CA LYS A 107 -33.65 8.27 25.43
C LYS A 107 -32.95 9.61 25.66
N SER A 108 -33.26 10.65 24.84
CA SER A 108 -32.78 12.04 24.97
C SER A 108 -31.26 12.27 24.74
N THR A 109 -30.83 13.55 24.96
CA THR A 109 -29.45 14.03 24.93
C THR A 109 -28.93 14.01 26.39
N LEU A 110 -27.60 14.22 26.56
CA LEU A 110 -26.98 14.34 27.89
C LEU A 110 -27.43 15.69 28.49
N ARG A 111 -27.67 16.70 27.65
CA ARG A 111 -28.14 17.99 28.12
C ARG A 111 -29.42 17.83 28.94
N ASP A 112 -30.45 17.19 28.37
CA ASP A 112 -31.75 16.99 29.01
C ASP A 112 -31.70 16.01 30.20
N THR A 113 -30.66 15.16 30.26
CA THR A 113 -30.41 14.18 31.33
C THR A 113 -29.83 14.91 32.56
N ILE A 114 -29.06 15.98 32.34
CA ILE A 114 -28.45 16.80 33.38
C ILE A 114 -29.56 17.66 33.98
N ASP A 115 -30.36 18.30 33.11
CA ASP A 115 -31.48 19.19 33.45
C ASP A 115 -32.59 18.47 34.22
N GLN A 116 -32.63 17.13 34.19
CA GLN A 116 -33.62 16.31 34.87
C GLN A 116 -33.11 15.62 36.16
N GLY A 117 -31.98 16.08 36.71
CA GLY A 117 -31.45 15.62 37.98
C GLY A 117 -30.48 14.45 38.03
N LEU A 118 -29.59 14.33 37.02
CA LEU A 118 -28.56 13.28 36.93
C LEU A 118 -27.70 13.23 38.20
N TYR A 119 -27.30 14.41 38.69
CA TYR A 119 -26.45 14.64 39.87
C TYR A 119 -26.85 13.87 41.13
N ARG A 120 -28.18 13.56 41.28
CA ARG A 120 -28.79 12.85 42.41
C ARG A 120 -28.49 11.34 42.43
N ASP A 121 -28.07 10.78 41.28
CA ASP A 121 -27.80 9.37 41.08
C ASP A 121 -26.32 9.18 40.76
N THR A 122 -25.48 9.19 41.81
CA THR A 122 -24.01 9.05 41.79
C THR A 122 -23.55 7.79 41.03
N VAL A 123 -24.27 6.67 41.22
CA VAL A 123 -23.98 5.39 40.57
C VAL A 123 -24.14 5.52 39.03
N ARG A 124 -25.19 6.21 38.55
CA ARG A 124 -25.47 6.43 37.13
C ARG A 124 -24.48 7.44 36.59
N LEU A 125 -24.37 8.58 37.27
CA LEU A 125 -23.47 9.71 37.05
C LEU A 125 -22.08 9.19 36.62
N TRP A 126 -21.46 8.37 37.47
CA TRP A 126 -20.14 7.78 37.29
C TRP A 126 -20.07 6.74 36.17
N ARG A 127 -21.18 6.06 35.86
CA ARG A 127 -21.24 5.07 34.79
C ARG A 127 -21.21 5.75 33.42
N LEU A 128 -22.11 6.73 33.20
CA LEU A 128 -22.22 7.49 31.97
C LEU A 128 -20.95 8.28 31.71
N PHE A 129 -20.21 8.70 32.77
CA PHE A 129 -18.94 9.41 32.61
C PHE A 129 -17.90 8.47 32.06
N ARG A 130 -17.78 7.24 32.63
CA ARG A 130 -16.87 6.18 32.22
C ARG A 130 -17.11 5.85 30.77
N GLU A 131 -18.40 5.76 30.35
CA GLU A 131 -18.80 5.46 28.98
C GLU A 131 -18.34 6.54 27.99
N ILE A 132 -18.50 7.86 28.33
CA ILE A 132 -17.98 9.01 27.55
C ILE A 132 -16.45 8.81 27.38
N LEU A 133 -15.73 8.41 28.46
CA LEU A 133 -14.29 8.13 28.42
C LEU A 133 -13.92 6.95 27.53
N ASP A 134 -14.71 5.85 27.54
CA ASP A 134 -14.46 4.68 26.69
C ASP A 134 -14.50 5.09 25.23
N GLY A 135 -15.58 5.75 24.82
CA GLY A 135 -15.76 6.25 23.46
C GLY A 135 -14.73 7.30 23.07
N LEU A 136 -14.37 8.20 24.00
CA LEU A 136 -13.34 9.24 23.77
C LEU A 136 -12.00 8.56 23.59
N ALA A 137 -11.67 7.54 24.43
CA ALA A 137 -10.45 6.75 24.33
C ALA A 137 -10.34 6.11 22.96
N TYR A 138 -11.42 5.47 22.44
CA TYR A 138 -11.48 4.85 21.11
C TYR A 138 -11.18 5.86 19.99
N ILE A 139 -11.81 7.06 20.04
CA ILE A 139 -11.63 8.14 19.05
C ILE A 139 -10.16 8.54 19.05
N HIS A 140 -9.60 8.75 20.25
CA HIS A 140 -8.24 9.19 20.54
C HIS A 140 -7.18 8.20 20.19
N GLU A 141 -7.44 6.89 20.36
CA GLU A 141 -6.50 5.81 20.04
C GLU A 141 -6.48 5.54 18.50
N LYS A 142 -7.46 6.07 17.78
CA LYS A 142 -7.55 6.02 16.33
C LYS A 142 -7.03 7.36 15.78
N GLY A 143 -6.27 8.07 16.64
CA GLY A 143 -5.63 9.35 16.39
C GLY A 143 -6.54 10.37 15.76
N MET A 144 -7.44 10.96 16.56
CA MET A 144 -8.43 11.94 16.14
C MET A 144 -8.74 12.82 17.32
N ILE A 145 -9.22 14.03 17.01
CA ILE A 145 -9.68 15.03 17.94
C ILE A 145 -11.13 15.25 17.53
N HIS A 146 -12.07 15.32 18.51
CA HIS A 146 -13.49 15.48 18.24
C HIS A 146 -13.83 16.93 17.91
N ARG A 147 -13.28 17.86 18.74
CA ARG A 147 -13.48 19.31 18.69
C ARG A 147 -14.92 19.76 19.06
N ASN A 148 -15.89 18.81 19.15
CA ASN A 148 -17.34 19.07 19.34
C ASN A 148 -18.05 18.26 20.48
N LEU A 149 -17.36 18.04 21.59
CA LEU A 149 -17.89 17.31 22.74
C LEU A 149 -18.59 18.34 23.66
N LYS A 150 -19.93 18.37 23.60
CA LYS A 150 -20.81 19.27 24.36
C LYS A 150 -22.09 18.47 24.73
N PRO A 151 -22.81 18.71 25.87
CA PRO A 151 -23.97 17.87 26.22
C PRO A 151 -25.08 17.74 25.18
N VAL A 152 -25.17 18.66 24.22
CA VAL A 152 -26.18 18.59 23.17
C VAL A 152 -25.76 17.64 22.03
N ASN A 153 -24.47 17.19 22.05
CA ASN A 153 -23.84 16.27 21.08
C ASN A 153 -23.33 14.91 21.72
N ILE A 154 -23.97 14.49 22.85
CA ILE A 154 -23.79 13.23 23.60
C ILE A 154 -25.22 12.84 23.91
N PHE A 155 -25.60 11.58 23.63
CA PHE A 155 -26.98 11.11 23.75
C PHE A 155 -27.07 9.80 24.49
N LEU A 156 -28.31 9.39 24.80
CA LEU A 156 -28.59 8.12 25.48
C LEU A 156 -29.55 7.30 24.68
N ASP A 157 -29.31 5.99 24.61
CA ASP A 157 -30.20 5.09 23.90
C ASP A 157 -31.18 4.48 24.89
N SER A 158 -32.06 3.62 24.36
CA SER A 158 -33.09 2.85 25.06
C SER A 158 -32.55 2.15 26.31
N ASP A 159 -31.26 1.77 26.30
CA ASP A 159 -30.57 1.09 27.39
C ASP A 159 -29.77 2.02 28.28
N ASP A 160 -30.03 3.36 28.23
CA ASP A 160 -29.36 4.39 29.04
C ASP A 160 -27.83 4.38 28.91
N HIS A 161 -27.34 4.18 27.67
CA HIS A 161 -25.93 4.15 27.31
C HIS A 161 -25.52 5.38 26.59
N VAL A 162 -24.28 5.81 26.83
CA VAL A 162 -23.78 7.02 26.22
C VAL A 162 -23.38 6.78 24.79
N LYS A 163 -23.83 7.66 23.89
CA LYS A 163 -23.49 7.63 22.48
C LYS A 163 -22.96 9.02 22.02
N ILE A 164 -21.64 9.18 21.98
CA ILE A 164 -20.95 10.40 21.58
C ILE A 164 -21.34 10.73 20.14
N GLY A 165 -21.90 11.92 19.92
CA GLY A 165 -22.36 12.37 18.60
C GLY A 165 -21.25 12.53 17.59
N ASP A 166 -21.59 12.93 16.37
CA ASP A 166 -20.60 13.14 15.32
C ASP A 166 -19.87 14.48 15.49
N PHE A 167 -18.97 14.83 14.56
CA PHE A 167 -18.24 16.10 14.60
C PHE A 167 -18.79 17.09 13.57
N GLY A 168 -18.96 18.34 13.99
CA GLY A 168 -19.44 19.42 13.14
C GLY A 168 -18.32 20.11 12.40
N LEU A 189 -21.87 42.52 28.59
CA LEU A 189 -21.27 41.87 27.43
C LEU A 189 -22.21 40.79 26.85
N ILE A 190 -22.91 40.00 27.74
CA ILE A 190 -23.80 38.92 27.29
C ILE A 190 -25.28 39.34 27.32
N LYS A 191 -25.92 39.32 26.14
CA LYS A 191 -27.34 39.66 25.94
C LYS A 191 -28.28 38.57 26.51
N SER A 192 -27.81 37.31 26.54
CA SER A 192 -28.54 36.13 27.03
C SER A 192 -28.82 36.22 28.54
N ASP A 193 -28.03 37.04 29.27
CA ASP A 193 -28.11 37.25 30.73
C ASP A 193 -29.27 38.19 31.14
N PRO A 194 -30.30 37.66 31.85
CA PRO A 194 -31.44 38.51 32.25
C PRO A 194 -31.13 39.61 33.28
N SER A 195 -30.06 39.48 34.10
CA SER A 195 -29.66 40.49 35.09
C SER A 195 -29.06 41.73 34.40
N GLY A 196 -28.29 41.49 33.33
CA GLY A 196 -27.64 42.50 32.50
C GLY A 196 -26.19 42.81 32.85
N HIS A 197 -25.70 42.26 33.98
CA HIS A 197 -24.36 42.49 34.52
C HIS A 197 -23.31 41.43 34.17
N LEU A 198 -23.70 40.29 33.61
CA LEU A 198 -22.70 39.24 33.37
C LEU A 198 -21.92 39.38 32.10
N THR A 199 -20.64 39.10 32.25
CA THR A 199 -19.54 39.12 31.30
C THR A 199 -18.89 37.72 31.27
N GLY A 200 -18.28 37.40 30.14
CA GLY A 200 -17.59 36.13 29.95
C GLY A 200 -18.12 35.41 28.73
N MET A 201 -17.58 34.21 28.44
CA MET A 201 -18.05 33.44 27.29
C MET A 201 -19.38 32.77 27.59
N VAL A 202 -20.12 32.45 26.54
CA VAL A 202 -21.44 31.88 26.65
C VAL A 202 -21.58 30.77 25.57
N GLY A 203 -22.50 29.83 25.82
CA GLY A 203 -22.81 28.75 24.90
C GLY A 203 -21.72 27.70 24.75
N THR A 204 -21.48 27.29 23.47
CA THR A 204 -20.49 26.29 23.05
C THR A 204 -19.07 26.71 23.37
N ALA A 205 -18.85 28.03 23.53
CA ALA A 205 -17.54 28.63 23.84
C ALA A 205 -17.04 28.22 25.19
N LEU A 206 -17.94 27.96 26.14
CA LEU A 206 -17.65 27.55 27.52
C LEU A 206 -16.98 26.21 27.59
N TYR A 207 -17.14 25.36 26.54
CA TYR A 207 -16.57 24.02 26.44
C TYR A 207 -15.25 24.04 25.68
N VAL A 208 -15.07 25.04 24.80
CA VAL A 208 -13.86 25.21 23.99
C VAL A 208 -12.68 25.54 24.90
N SER A 209 -11.56 24.76 24.77
CA SER A 209 -10.28 24.85 25.49
C SER A 209 -9.69 26.26 25.42
N PRO A 210 -8.99 26.74 26.49
CA PRO A 210 -8.42 28.11 26.46
C PRO A 210 -7.27 28.28 25.47
N GLU A 211 -6.48 27.21 25.26
CA GLU A 211 -5.34 27.17 24.35
C GLU A 211 -5.72 27.34 22.87
N VAL A 212 -6.96 27.01 22.47
CA VAL A 212 -7.46 27.11 21.08
C VAL A 212 -8.39 28.34 20.99
N GLN A 213 -8.08 29.39 21.78
CA GLN A 213 -8.85 30.62 21.86
C GLN A 213 -7.96 31.88 21.91
N GLY A 214 -8.53 33.00 21.46
CA GLY A 214 -7.90 34.32 21.45
C GLY A 214 -6.86 34.53 20.36
N SER A 215 -5.85 35.38 20.66
CA SER A 215 -4.73 35.65 19.74
C SER A 215 -3.74 34.47 19.89
N THR A 216 -3.44 34.12 21.17
CA THR A 216 -2.58 33.00 21.62
C THR A 216 -3.27 31.67 21.29
N LYS A 217 -3.30 31.31 19.99
CA LYS A 217 -3.92 30.09 19.47
C LYS A 217 -2.93 28.93 19.45
N SER A 218 -2.61 28.42 20.65
CA SER A 218 -1.69 27.31 20.91
C SER A 218 -2.26 25.93 20.49
N ALA A 219 -2.14 25.61 19.17
CA ALA A 219 -2.50 24.40 18.38
C ALA A 219 -3.47 23.36 19.02
N TYR A 220 -4.53 23.01 18.26
CA TYR A 220 -5.54 22.02 18.65
C TYR A 220 -4.89 20.65 18.90
N ASN A 221 -5.15 20.09 20.07
CA ASN A 221 -4.61 18.84 20.58
C ASN A 221 -5.77 17.88 20.95
N GLN A 222 -5.43 16.68 21.40
CA GLN A 222 -6.42 15.71 21.89
C GLN A 222 -6.82 16.10 23.33
N LYS A 223 -5.96 16.89 24.01
CA LYS A 223 -6.12 17.41 25.37
C LYS A 223 -7.27 18.41 25.46
N VAL A 224 -7.70 18.91 24.30
CA VAL A 224 -8.81 19.87 24.11
C VAL A 224 -10.14 19.17 24.42
N ASP A 225 -10.28 17.92 23.94
CA ASP A 225 -11.45 17.06 24.13
C ASP A 225 -11.65 16.72 25.62
N LEU A 226 -10.55 16.68 26.37
CA LEU A 226 -10.54 16.39 27.79
C LEU A 226 -10.91 17.61 28.64
N PHE A 227 -10.73 18.83 28.09
CA PHE A 227 -11.14 20.07 28.75
C PHE A 227 -12.69 20.16 28.69
N SER A 228 -13.27 19.86 27.50
CA SER A 228 -14.71 19.81 27.25
C SER A 228 -15.39 18.82 28.19
N LEU A 229 -14.74 17.68 28.46
CA LEU A 229 -15.23 16.60 29.32
C LEU A 229 -15.20 16.94 30.82
N GLY A 230 -14.35 17.90 31.21
CA GLY A 230 -14.23 18.37 32.59
C GLY A 230 -15.32 19.36 32.95
N ILE A 231 -15.87 20.05 31.94
CA ILE A 231 -16.97 21.01 32.06
C ILE A 231 -18.24 20.18 32.07
N ILE A 232 -18.35 19.22 31.11
CA ILE A 232 -19.44 18.26 30.95
C ILE A 232 -19.61 17.42 32.25
N PHE A 233 -18.50 16.95 32.89
CA PHE A 233 -18.59 16.20 34.14
C PHE A 233 -18.99 17.06 35.34
N PHE A 234 -18.62 18.34 35.35
CA PHE A 234 -19.02 19.22 36.45
C PHE A 234 -20.55 19.36 36.43
N GLU A 235 -21.11 19.64 35.24
CA GLU A 235 -22.54 19.77 35.01
C GLU A 235 -23.25 18.48 35.34
N MET A 236 -22.64 17.34 34.97
CA MET A 236 -23.16 16.01 35.25
C MET A 236 -23.28 15.79 36.76
N SER A 237 -22.22 16.16 37.54
CA SER A 237 -22.07 16.07 39.00
C SER A 237 -22.78 17.17 39.83
N TYR A 238 -23.31 18.26 39.19
CA TYR A 238 -23.94 19.44 39.85
C TYR A 238 -25.40 19.66 39.43
N HIS A 239 -26.24 20.14 40.38
CA HIS A 239 -27.67 20.40 40.16
C HIS A 239 -27.94 21.26 38.94
N PRO A 240 -29.09 21.09 38.23
CA PRO A 240 -29.35 21.97 37.06
C PRO A 240 -29.32 23.45 37.47
N MET A 241 -28.68 24.28 36.63
CA MET A 241 -28.58 25.70 36.89
C MET A 241 -29.74 26.44 36.19
N VAL A 242 -30.90 26.44 36.90
CA VAL A 242 -32.22 26.97 36.50
C VAL A 242 -32.21 28.32 35.73
N THR A 243 -31.43 29.32 36.19
CA THR A 243 -31.34 30.65 35.55
C THR A 243 -30.10 30.76 34.66
N ALA A 244 -30.12 31.67 33.66
CA ALA A 244 -28.98 31.93 32.76
C ALA A 244 -27.86 32.61 33.56
N SER A 245 -28.23 33.61 34.39
CA SER A 245 -27.33 34.33 35.31
C SER A 245 -26.53 33.35 36.20
N GLU A 246 -27.17 32.26 36.66
CA GLU A 246 -26.50 31.25 37.49
C GLU A 246 -25.52 30.47 36.66
N ARG A 247 -25.96 29.99 35.47
CA ARG A 247 -25.15 29.19 34.57
C ARG A 247 -23.88 29.91 34.11
N ILE A 248 -24.04 31.19 33.66
CA ILE A 248 -22.92 32.01 33.16
C ILE A 248 -21.93 32.29 34.26
N PHE A 249 -22.39 32.63 35.47
CA PHE A 249 -21.48 32.91 36.55
C PHE A 249 -20.69 31.68 36.94
N VAL A 250 -21.40 30.55 37.20
CA VAL A 250 -20.84 29.29 37.69
C VAL A 250 -19.82 28.66 36.75
N LEU A 251 -20.17 28.54 35.47
CA LEU A 251 -19.31 27.94 34.46
C LEU A 251 -18.11 28.82 34.09
N ASN A 252 -18.28 30.15 34.11
CA ASN A 252 -17.17 31.08 33.86
C ASN A 252 -16.22 31.13 35.04
N GLN A 253 -16.73 31.02 36.30
CA GLN A 253 -15.86 31.00 37.48
C GLN A 253 -15.03 29.71 37.52
N LEU A 254 -15.60 28.59 37.05
CA LEU A 254 -14.93 27.28 36.95
C LEU A 254 -13.79 27.32 35.90
N ARG A 255 -13.98 28.10 34.81
CA ARG A 255 -13.05 28.31 33.67
C ARG A 255 -11.93 29.35 33.94
N ASP A 256 -11.92 29.98 35.13
CA ASP A 256 -10.95 31.00 35.50
C ASP A 256 -9.55 30.42 35.72
N PRO A 257 -8.51 30.95 35.02
CA PRO A 257 -7.13 30.42 35.23
C PRO A 257 -6.47 30.99 36.49
N THR A 258 -6.99 32.15 36.97
CA THR A 258 -6.56 32.89 38.16
C THR A 258 -7.49 32.62 39.36
N SER A 259 -8.56 31.82 39.15
CA SER A 259 -9.51 31.40 40.19
C SER A 259 -10.40 30.17 39.77
N PRO A 260 -9.85 28.93 39.59
CA PRO A 260 -10.72 27.78 39.22
C PRO A 260 -11.68 27.33 40.35
N LYS A 261 -12.85 27.99 40.38
CA LYS A 261 -13.98 28.02 41.33
C LYS A 261 -14.41 26.73 42.04
N PHE A 262 -15.65 26.27 41.71
CA PHE A 262 -16.50 25.22 42.28
C PHE A 262 -17.45 25.94 43.24
N PRO A 263 -18.76 25.89 42.99
CA PRO A 263 -19.71 26.57 43.88
C PRO A 263 -19.66 26.05 45.32
N GLU A 264 -20.16 26.85 46.29
CA GLU A 264 -20.20 26.50 47.72
C GLU A 264 -20.93 25.18 47.96
N ASP A 265 -22.02 24.91 47.21
CA ASP A 265 -22.85 23.70 47.28
C ASP A 265 -22.21 22.46 46.60
N PHE A 266 -21.00 22.63 46.05
CA PHE A 266 -20.19 21.58 45.45
C PHE A 266 -18.97 21.42 46.40
N ASP A 267 -19.24 20.85 47.60
CA ASP A 267 -18.25 20.69 48.67
C ASP A 267 -17.25 19.56 48.47
N ASP A 268 -16.02 19.80 48.95
CA ASP A 268 -14.88 18.89 48.94
C ASP A 268 -15.13 17.67 49.86
N GLY A 269 -16.28 17.65 50.51
CA GLY A 269 -16.69 16.57 51.40
C GLY A 269 -17.38 15.42 50.69
N GLU A 270 -18.61 15.69 50.20
CA GLU A 270 -19.46 14.68 49.52
C GLU A 270 -19.01 14.35 48.08
N HIS A 271 -18.29 15.27 47.41
CA HIS A 271 -17.83 15.09 46.03
C HIS A 271 -16.40 14.59 45.98
N ALA A 272 -15.42 15.41 46.47
CA ALA A 272 -13.99 15.11 46.63
C ALA A 272 -13.27 14.47 45.40
N LYS A 273 -13.62 13.23 45.01
CA LYS A 273 -13.06 12.55 43.86
C LYS A 273 -13.58 13.18 42.57
N GLN A 274 -14.85 13.62 42.55
CA GLN A 274 -15.48 14.32 41.42
C GLN A 274 -14.72 15.64 41.20
N LYS A 275 -14.53 16.45 42.28
CA LYS A 275 -13.77 17.70 42.27
C LYS A 275 -12.35 17.48 41.74
N SER A 276 -11.70 16.34 42.08
CA SER A 276 -10.35 15.98 41.63
C SER A 276 -10.29 15.74 40.11
N VAL A 277 -11.22 14.92 39.57
CA VAL A 277 -11.30 14.58 38.15
C VAL A 277 -11.48 15.85 37.31
N ILE A 278 -12.49 16.67 37.69
CA ILE A 278 -12.84 17.97 37.07
C ILE A 278 -11.61 18.88 37.06
N SER A 279 -10.92 19.03 38.21
CA SER A 279 -9.74 19.89 38.34
C SER A 279 -8.56 19.42 37.53
N TRP A 280 -8.40 18.09 37.36
CA TRP A 280 -7.32 17.48 36.56
C TRP A 280 -7.55 17.80 35.08
N LEU A 281 -8.78 17.54 34.57
CA LEU A 281 -9.22 17.78 33.18
C LEU A 281 -9.21 19.25 32.78
N LEU A 282 -9.58 20.15 33.71
CA LEU A 282 -9.67 21.59 33.48
C LEU A 282 -8.36 22.36 33.76
N ASN A 283 -7.25 21.63 33.99
CA ASN A 283 -5.94 22.21 34.24
C ASN A 283 -5.56 23.07 33.04
N HIS A 284 -5.42 24.37 33.26
CA HIS A 284 -5.06 25.31 32.20
C HIS A 284 -3.99 24.76 31.27
N ASP A 285 -2.92 24.23 31.85
CA ASP A 285 -1.83 23.68 31.07
C ASP A 285 -2.26 22.41 30.34
N PRO A 286 -2.41 22.51 29.00
CA PRO A 286 -2.83 21.38 28.17
C PRO A 286 -1.99 20.14 28.44
N ALA A 287 -0.76 20.35 28.92
CA ALA A 287 0.16 19.24 29.23
C ALA A 287 -0.09 18.56 30.59
N LYS A 288 -0.68 19.28 31.55
CA LYS A 288 -0.97 18.74 32.89
C LYS A 288 -2.27 17.90 32.95
N ARG A 289 -3.08 17.93 31.86
CA ARG A 289 -4.34 17.18 31.69
C ARG A 289 -4.07 15.68 31.47
N PRO A 290 -4.91 14.72 31.96
CA PRO A 290 -4.62 13.30 31.67
C PRO A 290 -4.93 12.90 30.22
N THR A 291 -4.71 11.64 29.89
CA THR A 291 -5.09 11.10 28.59
C THR A 291 -6.40 10.40 28.91
N ALA A 292 -7.17 10.01 27.89
CA ALA A 292 -8.43 9.33 28.17
C ALA A 292 -8.15 8.03 28.94
N THR A 293 -7.11 7.26 28.50
CA THR A 293 -6.70 5.97 29.10
C THR A 293 -6.10 6.14 30.51
N GLU A 294 -5.44 7.30 30.79
CA GLU A 294 -4.85 7.64 32.09
C GLU A 294 -5.94 7.80 33.16
N LEU A 295 -7.02 8.54 32.82
CA LEU A 295 -8.18 8.74 33.71
C LEU A 295 -8.97 7.44 33.95
N LEU A 296 -9.05 6.54 32.94
CA LEU A 296 -9.72 5.23 33.06
C LEU A 296 -8.90 4.31 34.01
N LYS A 297 -7.55 4.33 33.89
CA LYS A 297 -6.63 3.55 34.74
C LYS A 297 -6.28 4.31 36.04
N SER A 298 -7.10 5.32 36.40
CA SER A 298 -6.92 6.13 37.61
C SER A 298 -7.81 5.66 38.74
N GLU A 299 -7.26 5.73 39.94
CA GLU A 299 -7.87 5.35 41.21
C GLU A 299 -9.09 6.22 41.59
N LEU A 300 -9.16 7.47 41.06
CA LEU A 300 -10.23 8.45 41.29
C LEU A 300 -11.59 7.98 40.77
N LEU A 301 -11.57 7.17 39.72
CA LEU A 301 -12.78 6.66 39.09
C LEU A 301 -13.20 5.32 39.72
N PRO A 302 -14.45 5.21 40.22
CA PRO A 302 -14.92 3.94 40.78
C PRO A 302 -14.89 2.72 39.80
N PRO A 303 -14.89 1.45 40.32
CA PRO A 303 -14.83 0.30 39.39
C PRO A 303 -16.13 -0.03 38.64
N PRO A 304 -16.04 -0.43 37.34
CA PRO A 304 -17.28 -0.80 36.61
C PRO A 304 -17.79 -2.19 36.96
N SER B 10 28.47 28.08 -18.21
CA SER B 10 27.52 27.09 -17.69
C SER B 10 27.31 25.91 -18.62
N ARG B 11 27.78 24.73 -18.17
CA ARG B 11 27.68 23.45 -18.86
C ARG B 11 26.23 23.01 -18.99
N TYR B 12 25.46 23.16 -17.89
CA TYR B 12 24.04 22.82 -17.79
C TYR B 12 23.22 23.56 -18.84
N PHE B 13 23.44 24.87 -19.02
CA PHE B 13 22.66 25.66 -19.98
C PHE B 13 23.11 25.48 -21.41
N ILE B 14 24.40 25.22 -21.61
CA ILE B 14 24.94 25.08 -22.96
C ILE B 14 24.67 23.66 -23.55
N GLU B 15 24.92 22.59 -22.76
CA GLU B 15 24.81 21.19 -23.21
C GLU B 15 23.41 20.55 -23.11
N PHE B 16 22.50 21.11 -22.26
CA PHE B 16 21.14 20.59 -22.03
C PHE B 16 20.01 21.58 -22.28
N GLU B 17 18.80 21.05 -22.55
CA GLU B 17 17.57 21.82 -22.71
C GLU B 17 16.51 21.31 -21.75
N GLU B 18 16.07 22.19 -20.81
CA GLU B 18 15.04 21.91 -19.79
C GLU B 18 13.68 21.66 -20.47
N LEU B 19 13.02 20.55 -20.10
CA LEU B 19 11.71 20.16 -20.64
C LEU B 19 10.59 20.25 -19.60
N GLN B 20 10.89 19.87 -18.36
CA GLN B 20 9.92 19.81 -17.29
C GLN B 20 10.58 19.80 -15.94
N LEU B 21 9.86 20.26 -14.91
CA LEU B 21 10.33 20.17 -13.53
C LEU B 21 9.67 18.87 -13.01
N LEU B 22 10.48 17.95 -12.45
CA LEU B 22 9.98 16.66 -11.96
C LEU B 22 9.63 16.68 -10.46
N GLY B 23 10.32 17.54 -9.72
CA GLY B 23 10.14 17.72 -8.28
C GLY B 23 10.99 18.85 -7.71
N LYS B 24 10.65 19.30 -6.50
CA LYS B 24 11.35 20.37 -5.79
C LYS B 24 11.41 20.10 -4.28
N GLY B 25 11.97 21.05 -3.53
CA GLY B 25 12.13 20.98 -2.08
C GLY B 25 13.26 21.86 -1.58
N ALA B 26 13.56 21.78 -0.27
CA ALA B 26 14.64 22.56 0.37
C ALA B 26 16.02 22.07 -0.10
N PHE B 27 16.12 20.74 -0.39
CA PHE B 27 17.31 20.03 -0.90
C PHE B 27 17.81 20.69 -2.22
N GLY B 28 16.87 20.92 -3.14
CA GLY B 28 17.09 21.50 -4.45
C GLY B 28 15.89 21.19 -5.33
N ALA B 29 16.14 20.61 -6.51
CA ALA B 29 15.10 20.25 -7.48
C ALA B 29 15.60 19.22 -8.46
N VAL B 30 14.66 18.48 -9.07
CA VAL B 30 14.92 17.49 -10.11
C VAL B 30 14.20 18.01 -11.36
N ILE B 31 14.95 18.22 -12.44
CA ILE B 31 14.45 18.72 -13.71
C ILE B 31 14.75 17.76 -14.83
N LYS B 32 13.73 17.46 -15.64
CA LYS B 32 13.83 16.62 -16.82
C LYS B 32 14.50 17.45 -17.90
N VAL B 33 15.70 17.03 -18.34
CA VAL B 33 16.45 17.73 -19.39
C VAL B 33 16.48 16.91 -20.66
N GLN B 34 17.24 17.35 -21.65
CA GLN B 34 17.44 16.71 -22.95
C GLN B 34 18.84 17.11 -23.38
N ASN B 35 19.75 16.15 -23.57
CA ASN B 35 21.12 16.50 -24.00
C ASN B 35 21.08 16.81 -25.48
N LYS B 36 21.61 17.96 -25.86
CA LYS B 36 21.60 18.46 -27.22
C LYS B 36 22.48 17.63 -28.20
N LEU B 37 23.48 16.91 -27.68
CA LEU B 37 24.36 16.09 -28.50
C LEU B 37 23.80 14.68 -28.79
N ASP B 38 23.29 13.95 -27.77
CA ASP B 38 22.78 12.58 -27.98
C ASP B 38 21.26 12.48 -28.19
N GLY B 39 20.49 13.47 -27.73
CA GLY B 39 19.04 13.52 -27.90
C GLY B 39 18.24 12.79 -26.84
N CYS B 40 18.90 12.40 -25.75
CA CYS B 40 18.30 11.65 -24.67
C CYS B 40 17.85 12.56 -23.56
N CYS B 41 16.78 12.16 -22.89
CA CYS B 41 16.26 12.89 -21.75
C CYS B 41 16.87 12.34 -20.49
N TYR B 42 17.03 13.19 -19.48
CA TYR B 42 17.64 12.81 -18.22
C TYR B 42 16.87 13.41 -17.08
N ALA B 43 17.26 13.09 -15.85
CA ALA B 43 16.69 13.71 -14.66
C ALA B 43 17.90 14.30 -13.94
N VAL B 44 18.14 15.61 -14.16
CA VAL B 44 19.25 16.30 -13.51
C VAL B 44 18.79 16.89 -12.17
N LYS B 45 19.36 16.40 -11.06
CA LYS B 45 19.08 16.87 -9.71
C LYS B 45 20.08 17.98 -9.40
N ARG B 46 19.59 19.23 -9.38
CA ARG B 46 20.36 20.45 -9.09
C ARG B 46 20.28 20.80 -7.56
N ILE B 47 21.44 20.74 -6.85
CA ILE B 47 21.57 21.00 -5.41
C ILE B 47 22.39 22.27 -5.14
N PRO B 48 21.80 23.32 -4.49
CA PRO B 48 22.62 24.48 -4.13
C PRO B 48 23.54 24.05 -2.99
N ILE B 49 24.85 24.28 -3.16
CA ILE B 49 25.90 23.85 -2.22
C ILE B 49 26.88 24.99 -1.82
N ASN B 50 27.81 24.67 -0.91
CA ASN B 50 28.89 25.50 -0.40
C ASN B 50 30.02 24.50 -0.18
N PRO B 51 31.13 24.57 -0.95
CA PRO B 51 32.19 23.54 -0.82
C PRO B 51 32.94 23.45 0.52
N ALA B 52 32.91 24.52 1.34
CA ALA B 52 33.60 24.52 2.63
C ALA B 52 32.72 23.99 3.78
N SER B 53 31.47 23.58 3.48
CA SER B 53 30.55 23.04 4.50
C SER B 53 30.62 21.52 4.60
N ARG B 54 30.34 20.97 5.81
CA ARG B 54 30.33 19.53 6.08
C ARG B 54 29.15 18.83 5.39
N GLN B 55 28.10 19.62 4.98
CA GLN B 55 26.91 19.14 4.25
C GLN B 55 27.29 18.75 2.84
N PHE B 56 28.23 19.49 2.22
CA PHE B 56 28.76 19.22 0.87
C PHE B 56 29.57 17.93 0.89
N ARG B 57 30.35 17.71 1.95
CA ARG B 57 31.17 16.52 2.10
C ARG B 57 30.34 15.25 2.31
N ARG B 58 29.07 15.43 2.75
CA ARG B 58 28.08 14.37 2.89
C ARG B 58 27.57 14.06 1.48
N ILE B 59 27.23 15.11 0.69
CA ILE B 59 26.74 15.02 -0.70
C ILE B 59 27.76 14.40 -1.63
N LYS B 60 29.04 14.82 -1.53
CA LYS B 60 30.15 14.31 -2.34
C LYS B 60 30.29 12.80 -2.10
N GLY B 61 30.19 12.38 -0.85
CA GLY B 61 30.25 10.99 -0.43
C GLY B 61 29.11 10.16 -1.01
N GLU B 62 27.93 10.77 -1.19
CA GLU B 62 26.72 10.15 -1.75
C GLU B 62 26.93 9.94 -3.25
N VAL B 63 27.49 10.95 -3.98
CA VAL B 63 27.79 10.90 -5.41
C VAL B 63 28.82 9.78 -5.65
N THR B 64 29.79 9.64 -4.73
CA THR B 64 30.82 8.61 -4.70
C THR B 64 30.20 7.23 -4.63
N LEU B 65 29.19 7.01 -3.74
CA LEU B 65 28.54 5.71 -3.56
C LEU B 65 27.54 5.43 -4.68
N LEU B 66 26.72 6.43 -5.02
CA LEU B 66 25.72 6.37 -6.09
C LEU B 66 26.36 5.99 -7.45
N SER B 67 27.62 6.40 -7.69
CA SER B 67 28.35 6.12 -8.94
C SER B 67 28.91 4.70 -9.00
N ARG B 68 28.94 4.01 -7.83
CA ARG B 68 29.45 2.64 -7.64
C ARG B 68 28.37 1.55 -7.72
N LEU B 69 27.08 1.95 -7.87
CA LEU B 69 25.91 1.09 -7.95
C LEU B 69 25.47 0.74 -9.39
N HIS B 70 25.45 -0.57 -9.73
CA HIS B 70 25.01 -1.08 -11.05
C HIS B 70 24.02 -2.26 -10.96
N HIS B 71 22.74 -1.95 -11.09
CA HIS B 71 21.66 -2.92 -11.05
C HIS B 71 20.58 -2.39 -11.95
N GLU B 72 19.85 -3.27 -12.65
CA GLU B 72 18.75 -2.87 -13.55
C GLU B 72 17.59 -2.19 -12.81
N ASN B 73 17.43 -2.49 -11.51
CA ASN B 73 16.36 -1.97 -10.66
C ASN B 73 16.77 -0.71 -9.85
N ILE B 74 17.93 -0.10 -10.20
CA ILE B 74 18.42 1.17 -9.64
C ILE B 74 18.47 2.15 -10.81
N VAL B 75 18.03 3.38 -10.55
CA VAL B 75 18.06 4.49 -11.49
C VAL B 75 19.54 4.74 -11.87
N ARG B 76 19.88 4.46 -13.15
CA ARG B 76 21.20 4.57 -13.78
C ARG B 76 21.74 6.02 -13.62
N TYR B 77 23.02 6.17 -13.23
CA TYR B 77 23.76 7.42 -13.04
C TYR B 77 24.59 7.66 -14.29
N TYR B 78 24.57 8.91 -14.80
CA TYR B 78 25.28 9.30 -16.01
C TYR B 78 26.53 10.16 -15.77
N ASN B 79 26.43 11.26 -15.01
CA ASN B 79 27.54 12.20 -14.75
C ASN B 79 27.19 13.15 -13.58
N ALA B 80 28.23 13.72 -12.90
CA ALA B 80 28.09 14.70 -11.81
C ALA B 80 29.14 15.81 -11.89
N TRP B 81 28.71 17.04 -11.66
CA TRP B 81 29.58 18.20 -11.76
C TRP B 81 29.12 19.37 -10.88
N ILE B 82 30.03 20.32 -10.59
CA ILE B 82 29.75 21.54 -9.81
C ILE B 82 29.82 22.76 -10.75
N GLU B 83 28.94 23.75 -10.56
CA GLU B 83 28.90 24.96 -11.38
C GLU B 83 28.80 26.22 -10.54
N ARG B 84 29.82 27.11 -10.62
CA ARG B 84 29.79 28.40 -9.94
C ARG B 84 29.05 29.33 -10.90
N HIS B 85 27.78 29.63 -10.58
CA HIS B 85 26.90 30.48 -11.40
C HIS B 85 26.55 31.78 -10.63
N GLU B 86 25.99 32.80 -11.35
CA GLU B 86 25.57 34.12 -10.84
C GLU B 86 26.71 34.98 -10.23
N ARG B 87 26.36 36.21 -9.74
CA ARG B 87 27.24 37.20 -9.11
C ARG B 87 26.41 38.09 -8.15
N PRO B 88 26.93 38.45 -6.93
CA PRO B 88 26.12 39.28 -6.00
C PRO B 88 25.88 40.72 -6.47
N GLU B 93 27.02 36.26 -2.25
CA GLU B 93 28.37 36.36 -2.80
C GLU B 93 28.79 35.11 -3.61
N ALA B 94 28.26 35.02 -4.87
CA ALA B 94 28.45 33.94 -5.88
C ALA B 94 28.01 32.53 -5.42
N VAL B 95 26.85 32.06 -5.94
CA VAL B 95 26.24 30.76 -5.62
C VAL B 95 26.95 29.57 -6.30
N HIS B 96 26.95 28.42 -5.60
CA HIS B 96 27.51 27.15 -6.05
C HIS B 96 26.41 26.09 -6.14
N TYR B 97 26.37 25.35 -7.27
CA TYR B 97 25.39 24.30 -7.53
C TYR B 97 26.05 23.00 -7.90
N LEU B 98 25.48 21.89 -7.46
CA LEU B 98 25.95 20.55 -7.83
C LEU B 98 24.86 19.86 -8.64
N TYR B 99 25.22 19.37 -9.82
CA TYR B 99 24.28 18.67 -10.67
C TYR B 99 24.63 17.19 -10.69
N ILE B 100 23.60 16.34 -10.71
CA ILE B 100 23.73 14.89 -10.82
C ILE B 100 22.80 14.53 -11.95
N GLN B 101 23.34 13.97 -13.04
CA GLN B 101 22.60 13.57 -14.23
C GLN B 101 22.27 12.08 -14.13
N MET B 102 20.99 11.75 -14.02
CA MET B 102 20.55 10.37 -13.88
C MET B 102 19.57 9.97 -14.98
N GLU B 103 19.20 8.67 -15.05
CA GLU B 103 18.28 8.15 -16.05
C GLU B 103 16.90 8.75 -15.91
N TYR B 104 16.17 8.89 -17.02
CA TYR B 104 14.80 9.36 -17.03
C TYR B 104 13.94 8.15 -17.34
N CYS B 105 12.98 7.87 -16.43
CA CYS B 105 12.05 6.76 -16.51
C CYS B 105 10.76 7.27 -17.06
N GLU B 106 10.48 6.87 -18.30
CA GLU B 106 9.36 7.29 -19.12
C GLU B 106 8.00 7.11 -18.47
N LYS B 107 7.58 5.87 -18.15
CA LYS B 107 6.25 5.49 -17.63
C LYS B 107 5.72 6.42 -16.54
N SER B 108 6.12 6.22 -15.26
CA SER B 108 5.61 7.04 -14.16
C SER B 108 6.46 6.87 -12.94
N THR B 109 5.94 7.34 -11.80
CA THR B 109 6.51 7.08 -10.50
C THR B 109 5.67 5.88 -10.00
N LEU B 110 6.09 5.22 -8.91
CA LEU B 110 5.35 4.11 -8.33
C LEU B 110 4.13 4.71 -7.61
N ARG B 111 4.23 5.97 -7.16
CA ARG B 111 3.14 6.69 -6.50
C ARG B 111 1.89 6.79 -7.42
N ASP B 112 2.11 7.13 -8.70
CA ASP B 112 1.12 7.30 -9.77
C ASP B 112 0.57 5.98 -10.30
N THR B 113 1.19 4.86 -9.91
CA THR B 113 0.84 3.47 -10.28
C THR B 113 -0.09 2.94 -9.19
N ILE B 114 0.20 3.29 -7.91
CA ILE B 114 -0.60 2.96 -6.73
C ILE B 114 -1.92 3.75 -6.84
N ASP B 115 -1.83 5.06 -7.15
CA ASP B 115 -2.93 6.00 -7.30
C ASP B 115 -3.80 5.71 -8.51
N GLN B 116 -3.25 5.02 -9.51
CA GLN B 116 -4.05 4.64 -10.66
C GLN B 116 -4.37 3.14 -10.60
N GLY B 117 -4.68 2.68 -9.38
CA GLY B 117 -5.08 1.31 -9.04
C GLY B 117 -4.14 0.17 -9.40
N LEU B 118 -3.13 -0.08 -8.53
CA LEU B 118 -2.20 -1.20 -8.73
C LEU B 118 -2.75 -2.44 -8.08
N TYR B 119 -3.27 -2.29 -6.85
CA TYR B 119 -3.85 -3.28 -5.94
C TYR B 119 -4.71 -4.36 -6.60
N ARG B 120 -5.29 -4.07 -7.78
CA ARG B 120 -6.11 -4.99 -8.55
C ARG B 120 -5.25 -6.05 -9.27
N ASP B 121 -4.26 -5.62 -10.08
CA ASP B 121 -3.37 -6.51 -10.82
C ASP B 121 -2.40 -7.18 -9.84
N THR B 122 -2.74 -8.41 -9.40
CA THR B 122 -1.95 -9.17 -8.42
C THR B 122 -0.65 -9.77 -9.01
N VAL B 123 -0.57 -9.87 -10.34
CA VAL B 123 0.59 -10.39 -11.08
C VAL B 123 1.63 -9.27 -11.29
N ARG B 124 1.18 -8.00 -11.46
CA ARG B 124 2.05 -6.84 -11.65
C ARG B 124 2.61 -6.39 -10.29
N LEU B 125 1.71 -6.24 -9.30
CA LEU B 125 1.95 -5.87 -7.90
C LEU B 125 3.14 -6.66 -7.31
N TRP B 126 3.03 -7.99 -7.35
CA TRP B 126 4.02 -8.93 -6.83
C TRP B 126 5.32 -8.91 -7.62
N ARG B 127 5.25 -8.66 -8.94
CA ARG B 127 6.44 -8.56 -9.80
C ARG B 127 7.19 -7.29 -9.43
N LEU B 128 6.53 -6.11 -9.55
CA LEU B 128 7.09 -4.82 -9.18
C LEU B 128 7.75 -4.87 -7.79
N PHE B 129 7.12 -5.54 -6.80
CA PHE B 129 7.66 -5.67 -5.44
C PHE B 129 8.96 -6.49 -5.40
N ARG B 130 9.04 -7.61 -6.15
CA ARG B 130 10.23 -8.48 -6.25
C ARG B 130 11.41 -7.68 -6.84
N GLU B 131 11.11 -6.83 -7.83
CA GLU B 131 12.05 -5.96 -8.50
C GLU B 131 12.62 -4.91 -7.53
N ILE B 132 11.80 -4.41 -6.60
CA ILE B 132 12.22 -3.44 -5.57
C ILE B 132 13.17 -4.17 -4.62
N LEU B 133 12.84 -5.42 -4.26
CA LEU B 133 13.66 -6.26 -3.38
C LEU B 133 14.98 -6.66 -4.03
N ASP B 134 15.00 -6.84 -5.37
CA ASP B 134 16.22 -7.16 -6.11
C ASP B 134 17.21 -5.99 -5.99
N GLY B 135 16.72 -4.78 -6.25
CA GLY B 135 17.48 -3.54 -6.14
C GLY B 135 17.92 -3.25 -4.74
N LEU B 136 17.03 -3.44 -3.76
CA LEU B 136 17.31 -3.24 -2.34
C LEU B 136 18.32 -4.28 -1.80
N ALA B 137 18.25 -5.54 -2.27
CA ALA B 137 19.20 -6.61 -1.87
C ALA B 137 20.63 -6.29 -2.33
N TYR B 138 20.77 -5.61 -3.49
CA TYR B 138 22.01 -5.15 -4.11
C TYR B 138 22.66 -4.03 -3.27
N ILE B 139 21.92 -2.91 -3.04
CA ILE B 139 22.32 -1.75 -2.23
C ILE B 139 22.79 -2.22 -0.84
N HIS B 140 22.12 -3.26 -0.30
CA HIS B 140 22.44 -3.84 1.00
C HIS B 140 23.68 -4.75 0.97
N GLU B 141 23.90 -5.48 -0.15
CA GLU B 141 25.08 -6.36 -0.35
C GLU B 141 26.34 -5.48 -0.38
N LYS B 142 26.28 -4.35 -1.12
CA LYS B 142 27.34 -3.36 -1.25
C LYS B 142 27.53 -2.49 0.01
N GLY B 143 27.07 -3.00 1.16
CA GLY B 143 27.16 -2.37 2.47
C GLY B 143 26.60 -0.97 2.57
N MET B 144 25.39 -0.75 2.03
CA MET B 144 24.74 0.57 2.04
C MET B 144 23.31 0.52 2.58
N ILE B 145 22.80 1.68 3.03
CA ILE B 145 21.42 1.90 3.50
C ILE B 145 20.87 3.01 2.60
N HIS B 146 19.64 2.86 2.05
CA HIS B 146 19.05 3.87 1.16
C HIS B 146 18.58 5.13 1.90
N ARG B 147 17.66 4.98 2.88
CA ARG B 147 17.08 6.07 3.69
C ARG B 147 16.15 7.02 2.88
N ASN B 148 15.77 6.66 1.63
CA ASN B 148 14.88 7.47 0.78
C ASN B 148 14.01 6.56 -0.09
N LEU B 149 13.55 5.47 0.50
CA LEU B 149 12.69 4.49 -0.16
C LEU B 149 11.23 4.90 0.08
N LYS B 150 10.68 5.70 -0.87
CA LYS B 150 9.31 6.20 -0.85
C LYS B 150 8.70 6.14 -2.25
N PRO B 151 7.35 5.87 -2.41
CA PRO B 151 6.77 5.70 -3.76
C PRO B 151 6.94 6.84 -4.76
N VAL B 152 7.41 8.00 -4.32
CA VAL B 152 7.69 9.14 -5.20
C VAL B 152 9.14 9.10 -5.71
N ASN B 153 9.99 8.24 -5.10
CA ASN B 153 11.41 8.06 -5.40
C ASN B 153 11.71 6.61 -5.88
N ILE B 154 10.71 5.99 -6.50
CA ILE B 154 10.74 4.70 -7.19
C ILE B 154 9.94 4.98 -8.43
N PHE B 155 10.52 4.70 -9.59
CA PHE B 155 9.94 5.01 -10.89
C PHE B 155 9.72 3.76 -11.72
N LEU B 156 9.09 3.95 -12.89
CA LEU B 156 8.82 2.91 -13.86
C LEU B 156 9.19 3.45 -15.24
N ASP B 157 10.04 2.70 -15.97
CA ASP B 157 10.47 3.06 -17.32
C ASP B 157 9.48 2.47 -18.32
N SER B 158 9.66 2.78 -19.62
CA SER B 158 8.82 2.32 -20.72
C SER B 158 8.50 0.82 -20.72
N ASP B 159 9.46 -0.03 -20.28
CA ASP B 159 9.29 -1.48 -20.20
C ASP B 159 8.61 -1.95 -18.90
N ASP B 160 8.00 -1.00 -18.14
CA ASP B 160 7.27 -1.24 -16.89
C ASP B 160 8.14 -1.98 -15.87
N HIS B 161 9.32 -1.45 -15.60
CA HIS B 161 10.25 -2.04 -14.66
C HIS B 161 10.61 -1.09 -13.53
N VAL B 162 10.87 -1.62 -12.34
CA VAL B 162 11.20 -0.83 -11.15
C VAL B 162 12.59 -0.23 -11.25
N LYS B 163 12.68 1.08 -10.95
CA LYS B 163 13.91 1.85 -10.90
C LYS B 163 13.88 2.69 -9.60
N ILE B 164 14.65 2.25 -8.59
CA ILE B 164 14.80 2.90 -7.29
C ILE B 164 15.68 4.14 -7.48
N GLY B 165 15.14 5.31 -7.17
CA GLY B 165 15.84 6.59 -7.28
C GLY B 165 17.06 6.69 -6.38
N ASP B 166 17.77 7.81 -6.46
CA ASP B 166 19.00 8.10 -5.70
C ASP B 166 18.72 8.37 -4.20
N PHE B 167 19.75 8.71 -3.42
CA PHE B 167 19.54 9.08 -2.03
C PHE B 167 19.91 10.55 -1.89
N GLY B 168 18.92 11.39 -1.62
CA GLY B 168 19.12 12.82 -1.47
C GLY B 168 18.80 13.34 -0.09
N LEU B 169 19.70 13.09 0.86
CA LEU B 169 19.57 13.48 2.26
C LEU B 169 19.70 15.00 2.44
N ASP B 188 -1.34 18.50 18.56
CA ASP B 188 -0.92 17.40 17.69
C ASP B 188 -1.79 17.26 16.44
N LEU B 189 -2.66 18.27 16.15
CA LEU B 189 -3.49 18.26 14.93
C LEU B 189 -2.61 18.55 13.71
N ILE B 190 -2.75 17.72 12.67
CA ILE B 190 -1.94 17.90 11.48
C ILE B 190 -2.70 18.83 10.51
N LYS B 191 -2.16 20.07 10.38
CA LYS B 191 -2.66 21.17 9.56
C LYS B 191 -2.95 20.80 8.07
N SER B 192 -2.27 19.76 7.55
CA SER B 192 -2.40 19.24 6.18
C SER B 192 -3.74 18.52 5.93
N ASP B 193 -4.44 18.07 7.01
CA ASP B 193 -5.72 17.35 6.97
C ASP B 193 -6.91 18.30 6.76
N PRO B 194 -7.74 18.07 5.69
CA PRO B 194 -8.88 18.98 5.42
C PRO B 194 -10.02 18.90 6.43
N SER B 195 -10.28 17.71 7.04
CA SER B 195 -11.34 17.50 8.04
C SER B 195 -11.10 18.33 9.31
N GLY B 196 -9.85 18.35 9.77
CA GLY B 196 -9.41 19.10 10.94
C GLY B 196 -9.50 18.31 12.22
N HIS B 197 -9.41 16.97 12.12
CA HIS B 197 -9.51 16.07 13.28
C HIS B 197 -8.29 15.17 13.47
N LEU B 198 -7.63 14.75 12.38
CA LEU B 198 -6.50 13.81 12.39
C LEU B 198 -5.22 14.31 13.06
N THR B 199 -4.56 13.38 13.78
CA THR B 199 -3.37 13.47 14.63
C THR B 199 -2.33 12.45 14.15
N GLY B 200 -1.05 12.81 14.26
CA GLY B 200 0.03 11.90 13.93
C GLY B 200 0.97 12.29 12.81
N MET B 201 1.52 11.26 12.15
CA MET B 201 2.50 11.38 11.08
C MET B 201 1.88 11.86 9.80
N VAL B 202 2.66 12.60 9.03
CA VAL B 202 2.23 13.16 7.76
C VAL B 202 3.41 13.17 6.78
N GLY B 203 3.11 12.77 5.55
CA GLY B 203 4.04 12.75 4.43
C GLY B 203 5.19 11.78 4.52
N THR B 204 6.42 12.34 4.58
CA THR B 204 7.69 11.60 4.59
C THR B 204 7.93 10.79 5.85
N ALA B 205 7.50 11.31 7.02
CA ALA B 205 7.64 10.67 8.33
C ALA B 205 6.94 9.32 8.40
N LEU B 206 5.89 9.13 7.56
CA LEU B 206 5.11 7.90 7.45
C LEU B 206 5.92 6.67 7.00
N TYR B 207 7.11 6.86 6.39
CA TYR B 207 7.95 5.76 5.90
C TYR B 207 9.15 5.50 6.77
N VAL B 208 9.55 6.48 7.57
CA VAL B 208 10.74 6.39 8.42
C VAL B 208 10.48 5.47 9.59
N SER B 209 11.36 4.47 9.80
CA SER B 209 11.35 3.50 10.89
C SER B 209 11.18 4.15 12.29
N PRO B 210 10.41 3.54 13.26
CA PRO B 210 10.21 4.19 14.57
C PRO B 210 11.47 4.32 15.46
N GLU B 211 12.49 3.48 15.20
CA GLU B 211 13.79 3.45 15.88
C GLU B 211 14.66 4.67 15.50
N VAL B 212 14.26 5.37 14.43
CA VAL B 212 14.93 6.54 13.86
C VAL B 212 14.31 7.86 14.38
N GLN B 213 13.07 7.80 14.87
CA GLN B 213 12.34 8.96 15.38
C GLN B 213 12.05 8.85 16.89
N GLY B 214 12.46 9.87 17.64
CA GLY B 214 12.28 9.93 19.09
C GLY B 214 13.46 9.40 19.87
N SER B 215 13.67 8.06 19.81
CA SER B 215 14.78 7.35 20.49
C SER B 215 15.80 6.76 19.47
N THR B 216 16.82 7.58 19.14
CA THR B 216 17.90 7.26 18.19
C THR B 216 19.15 6.68 18.92
N LYS B 217 19.26 5.34 18.96
CA LYS B 217 20.39 4.60 19.54
C LYS B 217 21.10 3.72 18.49
N SER B 218 20.32 3.24 17.49
CA SER B 218 20.77 2.44 16.34
C SER B 218 19.89 2.76 15.13
N ALA B 219 19.55 4.06 14.98
CA ALA B 219 18.72 4.64 13.92
C ALA B 219 19.39 4.61 12.53
N TYR B 220 20.28 3.65 12.34
CA TYR B 220 20.99 3.48 11.11
C TYR B 220 21.29 2.00 10.93
N ASN B 221 20.28 1.28 10.49
CA ASN B 221 20.41 -0.12 10.14
C ASN B 221 19.82 -0.29 8.75
N GLN B 222 20.15 -1.40 8.07
CA GLN B 222 19.59 -1.68 6.75
C GLN B 222 18.08 -1.98 6.89
N LYS B 223 17.63 -2.41 8.09
CA LYS B 223 16.24 -2.73 8.46
C LYS B 223 15.35 -1.50 8.50
N VAL B 224 15.95 -0.30 8.35
CA VAL B 224 15.23 0.97 8.29
C VAL B 224 14.58 1.06 6.91
N ASP B 225 15.29 0.56 5.87
CA ASP B 225 14.86 0.50 4.46
C ASP B 225 13.74 -0.50 4.27
N LEU B 226 13.84 -1.65 4.95
CA LEU B 226 12.87 -2.73 4.90
C LEU B 226 11.55 -2.37 5.56
N PHE B 227 11.55 -1.39 6.51
CA PHE B 227 10.33 -0.89 7.17
C PHE B 227 9.55 -0.09 6.14
N SER B 228 10.20 0.89 5.48
CA SER B 228 9.63 1.73 4.43
C SER B 228 9.03 0.87 3.35
N LEU B 229 9.66 -0.27 3.03
CA LEU B 229 9.20 -1.20 2.01
C LEU B 229 7.84 -1.85 2.41
N GLY B 230 7.61 -2.04 3.70
CA GLY B 230 6.36 -2.55 4.26
C GLY B 230 5.22 -1.58 4.03
N ILE B 231 5.43 -0.28 4.31
CA ILE B 231 4.46 0.81 4.07
C ILE B 231 4.17 0.94 2.57
N ILE B 232 5.22 0.82 1.71
CA ILE B 232 5.15 0.90 0.23
C ILE B 232 4.37 -0.30 -0.32
N PHE B 233 4.65 -1.54 0.18
CA PHE B 233 3.92 -2.76 -0.22
C PHE B 233 2.48 -2.74 0.27
N PHE B 234 2.21 -2.11 1.42
CA PHE B 234 0.83 -1.98 1.92
C PHE B 234 0.02 -1.16 0.91
N GLU B 235 0.49 0.05 0.61
CA GLU B 235 -0.09 0.98 -0.35
C GLU B 235 -0.30 0.35 -1.72
N MET B 236 0.67 -0.47 -2.19
CA MET B 236 0.65 -1.16 -3.47
C MET B 236 -0.45 -2.23 -3.51
N SER B 237 -0.65 -2.96 -2.39
CA SER B 237 -1.63 -4.03 -2.15
C SER B 237 -3.05 -3.51 -1.78
N TYR B 238 -3.15 -2.24 -1.30
CA TYR B 238 -4.39 -1.56 -0.90
C TYR B 238 -4.88 -0.51 -1.95
N HIS B 239 -6.20 -0.24 -1.98
CA HIS B 239 -6.83 0.67 -2.95
C HIS B 239 -6.33 2.14 -2.86
N PRO B 240 -6.41 2.92 -3.98
CA PRO B 240 -6.00 4.32 -3.94
C PRO B 240 -6.75 5.13 -2.88
N MET B 241 -5.99 5.76 -2.00
CA MET B 241 -6.51 6.61 -0.94
C MET B 241 -6.36 8.04 -1.41
N VAL B 242 -7.24 8.43 -2.36
CA VAL B 242 -7.27 9.74 -3.01
C VAL B 242 -7.51 10.90 -2.04
N THR B 243 -8.19 10.66 -0.90
CA THR B 243 -8.44 11.68 0.13
C THR B 243 -7.16 11.82 0.98
N ALA B 244 -6.91 13.03 1.51
CA ALA B 244 -5.79 13.29 2.40
C ALA B 244 -6.15 12.66 3.73
N SER B 245 -7.39 12.95 4.23
CA SER B 245 -7.97 12.39 5.45
C SER B 245 -7.89 10.84 5.46
N GLU B 246 -8.15 10.15 4.31
CA GLU B 246 -8.04 8.69 4.24
C GLU B 246 -6.58 8.25 4.38
N ARG B 247 -5.67 8.75 3.50
CA ARG B 247 -4.24 8.40 3.56
C ARG B 247 -3.61 8.61 4.95
N ILE B 248 -3.89 9.75 5.63
CA ILE B 248 -3.33 10.05 6.96
C ILE B 248 -3.83 9.05 8.02
N PHE B 249 -5.13 8.71 8.01
CA PHE B 249 -5.76 7.79 8.96
C PHE B 249 -5.28 6.37 8.78
N VAL B 250 -5.44 5.84 7.55
CA VAL B 250 -5.07 4.49 7.12
C VAL B 250 -3.59 4.18 7.36
N LEU B 251 -2.67 5.12 6.96
CA LEU B 251 -1.23 4.89 7.13
C LEU B 251 -0.76 5.05 8.57
N ASN B 252 -1.45 5.86 9.42
CA ASN B 252 -1.05 6.04 10.83
C ASN B 252 -1.52 4.88 11.70
N GLN B 253 -2.57 4.19 11.24
CA GLN B 253 -3.18 3.06 11.92
C GLN B 253 -2.27 1.84 11.81
N LEU B 254 -1.64 1.70 10.64
CA LEU B 254 -0.68 0.65 10.30
C LEU B 254 0.63 0.84 11.07
N ARG B 255 1.05 2.10 11.29
CA ARG B 255 2.26 2.53 12.00
C ARG B 255 2.05 2.60 13.53
N ASP B 256 0.90 2.09 14.03
CA ASP B 256 0.59 2.10 15.45
C ASP B 256 1.53 1.13 16.14
N PRO B 257 2.37 1.61 17.09
CA PRO B 257 3.37 0.72 17.73
C PRO B 257 2.74 -0.37 18.58
N THR B 258 1.84 0.07 19.46
CA THR B 258 1.02 -0.68 20.41
C THR B 258 0.26 -1.80 19.68
N SER B 259 -0.41 -1.47 18.54
CA SER B 259 -1.17 -2.42 17.70
C SER B 259 -1.24 -2.03 16.19
N PRO B 260 -0.40 -2.61 15.28
CA PRO B 260 -0.49 -2.27 13.85
C PRO B 260 -1.85 -2.74 13.28
N LYS B 261 -2.75 -1.77 13.07
CA LYS B 261 -4.15 -1.93 12.69
C LYS B 261 -4.45 -2.73 11.43
N PHE B 262 -4.33 -2.13 10.21
CA PHE B 262 -4.70 -2.67 8.88
C PHE B 262 -6.17 -2.37 8.64
N PRO B 263 -6.58 -1.98 7.41
CA PRO B 263 -8.00 -1.69 7.16
C PRO B 263 -8.86 -2.95 7.10
N GLU B 264 -10.19 -2.77 7.26
CA GLU B 264 -11.17 -3.85 7.22
C GLU B 264 -11.55 -4.23 5.76
N ASP B 265 -11.14 -3.41 4.79
CA ASP B 265 -11.40 -3.56 3.35
C ASP B 265 -10.43 -4.59 2.72
N PHE B 266 -9.22 -4.67 3.31
CA PHE B 266 -8.07 -5.48 2.96
C PHE B 266 -8.34 -6.98 3.19
N ASP B 267 -9.00 -7.65 2.21
CA ASP B 267 -9.42 -9.08 2.21
C ASP B 267 -8.26 -10.10 2.48
N ASP B 268 -8.58 -11.41 2.57
CA ASP B 268 -7.66 -12.54 2.79
C ASP B 268 -7.87 -13.62 1.70
N GLY B 269 -9.06 -13.60 1.09
CA GLY B 269 -9.43 -14.51 0.01
C GLY B 269 -8.70 -14.17 -1.28
N GLU B 270 -8.37 -12.87 -1.46
CA GLU B 270 -7.64 -12.31 -2.60
C GLU B 270 -6.19 -11.86 -2.22
N HIS B 271 -5.87 -11.87 -0.90
CA HIS B 271 -4.57 -11.47 -0.32
C HIS B 271 -4.03 -12.59 0.60
N ALA B 272 -3.87 -12.31 1.93
CA ALA B 272 -3.39 -13.20 3.00
C ALA B 272 -1.87 -13.30 3.09
N LYS B 273 -1.18 -13.67 1.97
CA LYS B 273 0.29 -13.75 1.90
C LYS B 273 0.81 -12.31 1.96
N GLN B 274 0.13 -11.40 1.20
CA GLN B 274 0.38 -9.96 1.11
C GLN B 274 0.44 -9.32 2.50
N LYS B 275 -0.53 -9.67 3.36
CA LYS B 275 -0.67 -9.21 4.74
C LYS B 275 0.44 -9.77 5.65
N SER B 276 0.85 -11.04 5.42
CA SER B 276 1.91 -11.72 6.19
C SER B 276 3.27 -11.03 5.96
N VAL B 277 3.54 -10.59 4.69
CA VAL B 277 4.75 -9.88 4.24
C VAL B 277 4.80 -8.47 4.88
N ILE B 278 3.69 -7.69 4.80
CA ILE B 278 3.56 -6.34 5.37
C ILE B 278 3.88 -6.36 6.87
N SER B 279 3.31 -7.34 7.60
CA SER B 279 3.51 -7.55 9.05
C SER B 279 4.96 -7.94 9.40
N TRP B 280 5.59 -8.80 8.55
CA TRP B 280 6.99 -9.28 8.61
C TRP B 280 7.87 -8.01 8.67
N LEU B 281 7.79 -7.16 7.61
CA LEU B 281 8.52 -5.90 7.37
C LEU B 281 8.30 -4.78 8.37
N LEU B 282 7.08 -4.63 8.89
CA LEU B 282 6.75 -3.52 9.78
C LEU B 282 6.98 -3.78 11.27
N ASN B 283 7.52 -4.94 11.64
CA ASN B 283 7.76 -5.29 13.05
C ASN B 283 8.52 -4.17 13.80
N HIS B 284 7.83 -3.50 14.75
CA HIS B 284 8.36 -2.38 15.58
C HIS B 284 9.82 -2.60 16.00
N ASP B 285 10.18 -3.89 16.25
CA ASP B 285 11.50 -4.41 16.61
C ASP B 285 12.29 -4.68 15.31
N PRO B 286 13.33 -3.86 14.97
CA PRO B 286 14.05 -4.09 13.69
C PRO B 286 14.68 -5.46 13.50
N ALA B 287 14.97 -6.17 14.60
CA ALA B 287 15.58 -7.51 14.60
C ALA B 287 14.62 -8.57 14.08
N LYS B 288 13.30 -8.32 14.26
CA LYS B 288 12.23 -9.22 13.86
C LYS B 288 11.73 -8.98 12.42
N ARG B 289 12.42 -8.09 11.64
CA ARG B 289 12.12 -7.79 10.22
C ARG B 289 13.01 -8.71 9.33
N PRO B 290 12.68 -9.05 8.06
CA PRO B 290 13.60 -9.88 7.28
C PRO B 290 14.68 -9.00 6.64
N THR B 291 15.70 -9.63 6.07
CA THR B 291 16.71 -8.93 5.29
C THR B 291 16.13 -9.02 3.86
N ALA B 292 16.63 -8.20 2.93
CA ALA B 292 16.10 -8.23 1.57
C ALA B 292 16.22 -9.61 0.92
N THR B 293 17.34 -10.33 1.19
CA THR B 293 17.60 -11.69 0.65
C THR B 293 16.85 -12.78 1.41
N GLU B 294 16.53 -12.55 2.71
CA GLU B 294 15.73 -13.43 3.56
C GLU B 294 14.28 -13.51 3.02
N LEU B 295 13.69 -12.33 2.70
CA LEU B 295 12.33 -12.18 2.15
C LEU B 295 12.21 -12.71 0.70
N LEU B 296 13.27 -12.63 -0.13
CA LEU B 296 13.24 -13.17 -1.49
C LEU B 296 13.26 -14.72 -1.47
N LYS B 297 13.86 -15.29 -0.39
CA LYS B 297 14.01 -16.71 -0.08
C LYS B 297 12.76 -17.25 0.67
N SER B 298 11.88 -16.33 1.14
CA SER B 298 10.65 -16.69 1.86
C SER B 298 9.59 -17.22 0.91
N GLU B 299 8.84 -18.23 1.37
CA GLU B 299 7.77 -18.88 0.59
C GLU B 299 6.46 -18.07 0.58
N LEU B 300 6.43 -16.93 1.32
CA LEU B 300 5.31 -15.98 1.35
C LEU B 300 5.24 -15.30 -0.03
N LEU B 301 6.43 -15.12 -0.63
CA LEU B 301 6.64 -14.53 -1.95
C LEU B 301 6.36 -15.52 -3.09
N PRO B 302 5.29 -15.26 -3.89
CA PRO B 302 5.00 -16.13 -5.03
C PRO B 302 6.12 -16.06 -6.07
N PRO B 303 6.68 -17.23 -6.50
CA PRO B 303 7.82 -17.22 -7.44
C PRO B 303 7.57 -16.54 -8.80
N PRO B 304 8.63 -16.03 -9.48
CA PRO B 304 8.42 -15.39 -10.79
C PRO B 304 8.15 -16.39 -11.92
N GLN B 305 7.32 -15.98 -12.90
CA GLN B 305 6.96 -16.79 -14.08
C GLN B 305 6.86 -15.88 -15.33
N MET B 306 7.98 -15.18 -15.65
CA MET B 306 8.09 -14.24 -16.78
C MET B 306 9.43 -14.42 -17.53
N SER C 10 37.91 23.63 -20.63
CA SER C 10 38.10 22.21 -20.90
C SER C 10 37.67 21.30 -19.74
N ARG C 11 36.48 20.69 -19.90
CA ARG C 11 35.84 19.70 -19.03
C ARG C 11 36.80 18.51 -18.89
N TYR C 12 37.44 18.10 -20.02
CA TYR C 12 38.37 17.00 -20.02
C TYR C 12 39.57 17.22 -19.10
N PHE C 13 40.30 18.35 -19.25
CA PHE C 13 41.46 18.61 -18.41
C PHE C 13 41.12 18.88 -16.95
N ILE C 14 40.00 19.59 -16.69
CA ILE C 14 39.54 20.08 -15.39
C ILE C 14 38.78 19.02 -14.54
N GLU C 15 37.79 18.34 -15.13
CA GLU C 15 36.98 17.35 -14.42
C GLU C 15 37.60 15.95 -14.33
N PHE C 16 38.63 15.63 -15.16
CA PHE C 16 39.29 14.32 -15.22
C PHE C 16 40.80 14.35 -15.00
N GLU C 17 41.35 13.17 -14.65
CA GLU C 17 42.79 12.94 -14.48
C GLU C 17 43.12 11.65 -15.25
N GLU C 18 43.93 11.77 -16.34
CA GLU C 18 44.33 10.66 -17.22
C GLU C 18 45.18 9.67 -16.45
N LEU C 19 45.11 8.39 -16.82
CA LEU C 19 45.80 7.30 -16.12
C LEU C 19 46.63 6.41 -17.03
N GLN C 20 46.07 6.01 -18.17
CA GLN C 20 46.68 5.03 -19.06
C GLN C 20 46.05 5.18 -20.43
N LEU C 21 46.83 4.96 -21.51
CA LEU C 21 46.30 5.00 -22.87
C LEU C 21 45.99 3.55 -23.18
N LEU C 22 44.71 3.27 -23.49
CA LEU C 22 44.24 1.92 -23.77
C LEU C 22 44.39 1.58 -25.26
N GLY C 23 44.23 2.58 -26.12
CA GLY C 23 44.33 2.46 -27.57
C GLY C 23 44.57 3.77 -28.29
N LYS C 24 45.14 3.69 -29.50
CA LYS C 24 45.47 4.86 -30.35
C LYS C 24 45.50 4.49 -31.83
N GLY C 25 45.08 5.45 -32.64
CA GLY C 25 45.05 5.37 -34.09
C GLY C 25 45.58 6.65 -34.69
N ALA C 26 45.35 6.85 -36.01
CA ALA C 26 45.77 8.07 -36.70
C ALA C 26 44.89 9.25 -36.31
N PHE C 27 43.58 8.98 -36.05
CA PHE C 27 42.58 10.00 -35.73
C PHE C 27 41.68 9.66 -34.51
N GLY C 28 42.29 9.22 -33.41
CA GLY C 28 41.54 8.88 -32.22
C GLY C 28 42.20 7.93 -31.25
N ALA C 29 42.26 8.38 -30.00
CA ALA C 29 42.82 7.65 -28.88
C ALA C 29 41.73 7.31 -27.87
N VAL C 30 41.96 6.24 -27.08
CA VAL C 30 41.10 5.76 -26.00
C VAL C 30 41.99 5.80 -24.76
N ILE C 31 41.69 6.73 -23.84
CA ILE C 31 42.40 6.95 -22.59
C ILE C 31 41.55 6.54 -21.37
N LYS C 32 42.18 5.87 -20.39
CA LYS C 32 41.58 5.49 -19.11
C LYS C 32 41.69 6.74 -18.20
N VAL C 33 40.55 7.31 -17.79
CA VAL C 33 40.46 8.51 -16.94
C VAL C 33 39.77 8.17 -15.61
N GLN C 34 39.87 9.09 -14.61
CA GLN C 34 39.18 9.00 -13.32
C GLN C 34 38.43 10.32 -13.16
N ASN C 35 37.11 10.30 -12.92
CA ASN C 35 36.37 11.54 -12.71
C ASN C 35 36.76 12.06 -11.34
N LYS C 36 37.15 13.33 -11.27
CA LYS C 36 37.65 13.93 -10.04
C LYS C 36 36.61 13.92 -8.92
N LEU C 37 35.36 14.24 -9.26
CA LEU C 37 34.23 14.29 -8.33
C LEU C 37 33.76 12.89 -7.87
N ASP C 38 33.20 12.03 -8.79
CA ASP C 38 32.75 10.68 -8.38
C ASP C 38 33.90 9.78 -7.94
N GLY C 39 34.97 9.67 -8.72
CA GLY C 39 36.14 8.87 -8.38
C GLY C 39 36.27 7.54 -9.12
N CYS C 40 35.38 7.34 -10.13
CA CYS C 40 35.29 6.13 -10.94
C CYS C 40 36.11 6.21 -12.19
N CYS C 41 36.42 5.05 -12.74
CA CYS C 41 37.18 4.96 -13.96
C CYS C 41 36.29 4.87 -15.14
N TYR C 42 36.74 5.48 -16.24
CA TYR C 42 36.07 5.52 -17.53
C TYR C 42 37.08 5.37 -18.66
N ALA C 43 36.59 5.04 -19.84
CA ALA C 43 37.39 4.97 -21.05
C ALA C 43 36.75 6.03 -21.93
N VAL C 44 37.46 7.17 -22.08
CA VAL C 44 37.04 8.30 -22.90
C VAL C 44 37.69 8.11 -24.27
N LYS C 45 36.88 8.16 -25.33
CA LYS C 45 37.35 8.04 -26.71
C LYS C 45 37.38 9.47 -27.22
N ARG C 46 38.58 10.02 -27.43
CA ARG C 46 38.77 11.38 -27.90
C ARG C 46 39.10 11.33 -29.38
N ILE C 47 38.23 11.96 -30.19
CA ILE C 47 38.31 12.00 -31.65
C ILE C 47 38.48 13.45 -32.11
N PRO C 48 39.52 13.78 -32.94
CA PRO C 48 39.57 15.13 -33.54
C PRO C 48 38.50 15.20 -34.67
N ILE C 49 37.51 16.11 -34.51
CA ILE C 49 36.38 16.23 -35.43
C ILE C 49 36.26 17.58 -36.14
N ASN C 50 35.60 17.57 -37.30
CA ASN C 50 35.25 18.76 -38.09
C ASN C 50 33.72 18.83 -37.90
N PRO C 51 33.23 19.81 -37.10
CA PRO C 51 31.78 19.85 -36.79
C PRO C 51 30.83 19.92 -38.00
N ALA C 52 31.38 20.22 -39.18
CA ALA C 52 30.61 20.32 -40.42
C ALA C 52 30.48 18.99 -41.17
N SER C 53 31.62 18.27 -41.33
CA SER C 53 31.84 17.04 -42.10
C SER C 53 30.69 16.01 -42.08
N ARG C 54 30.59 15.25 -43.19
CA ARG C 54 29.62 14.14 -43.36
C ARG C 54 30.08 13.00 -42.47
N GLN C 55 31.39 13.00 -42.12
CA GLN C 55 32.03 12.00 -41.26
C GLN C 55 31.57 12.20 -39.84
N PHE C 56 31.64 13.46 -39.34
CA PHE C 56 31.19 13.83 -37.99
C PHE C 56 29.73 13.47 -37.74
N ARG C 57 28.83 13.75 -38.71
CA ARG C 57 27.41 13.44 -38.66
C ARG C 57 27.22 11.95 -38.39
N ARG C 58 28.04 11.11 -39.06
CA ARG C 58 28.02 9.65 -38.94
C ARG C 58 28.61 9.17 -37.61
N ILE C 59 29.64 9.89 -37.06
CA ILE C 59 30.27 9.60 -35.76
C ILE C 59 29.19 9.89 -34.68
N LYS C 60 28.52 11.05 -34.80
CA LYS C 60 27.46 11.54 -33.92
C LYS C 60 26.27 10.60 -33.87
N GLY C 61 25.92 10.01 -35.01
CA GLY C 61 24.83 9.03 -35.12
C GLY C 61 25.09 7.77 -34.31
N GLU C 62 26.37 7.33 -34.24
CA GLU C 62 26.78 6.14 -33.47
C GLU C 62 26.72 6.44 -31.97
N VAL C 63 27.03 7.70 -31.58
CA VAL C 63 26.99 8.21 -30.20
C VAL C 63 25.52 8.19 -29.72
N THR C 64 24.56 8.66 -30.57
CA THR C 64 23.12 8.69 -30.33
C THR C 64 22.58 7.26 -30.14
N LEU C 65 23.00 6.29 -30.99
CA LEU C 65 22.53 4.90 -30.91
C LEU C 65 23.06 4.19 -29.68
N LEU C 66 24.36 4.38 -29.32
CA LEU C 66 24.96 3.74 -28.14
C LEU C 66 24.30 4.22 -26.86
N SER C 67 23.96 5.54 -26.79
CA SER C 67 23.26 6.19 -25.66
C SER C 67 21.82 5.65 -25.48
N ARG C 68 21.30 4.95 -26.52
CA ARG C 68 19.96 4.37 -26.59
C ARG C 68 19.93 2.83 -26.48
N LEU C 69 21.10 2.18 -26.28
CA LEU C 69 21.23 0.73 -26.06
C LEU C 69 21.42 0.53 -24.54
N HIS C 70 20.54 -0.25 -23.88
CA HIS C 70 20.61 -0.49 -22.42
C HIS C 70 20.64 -1.98 -22.07
N HIS C 71 21.79 -2.62 -22.30
CA HIS C 71 21.99 -4.04 -22.04
C HIS C 71 23.21 -4.25 -21.19
N GLU C 72 23.15 -5.31 -20.34
CA GLU C 72 24.19 -5.76 -19.40
C GLU C 72 25.48 -6.18 -20.10
N ASN C 73 25.38 -6.57 -21.39
CA ASN C 73 26.48 -7.01 -22.25
C ASN C 73 26.77 -6.03 -23.40
N ILE C 74 26.52 -4.74 -23.17
CA ILE C 74 26.86 -3.63 -24.08
C ILE C 74 27.59 -2.61 -23.19
N VAL C 75 28.70 -2.05 -23.68
CA VAL C 75 29.50 -1.08 -22.94
C VAL C 75 28.66 0.17 -22.62
N ARG C 76 28.49 0.46 -21.32
CA ARG C 76 27.70 1.58 -20.84
C ARG C 76 28.24 2.92 -21.31
N TYR C 77 27.33 3.80 -21.73
CA TYR C 77 27.60 5.17 -22.18
C TYR C 77 27.35 6.11 -20.98
N TYR C 78 28.29 7.06 -20.74
CA TYR C 78 28.10 8.02 -19.66
C TYR C 78 27.78 9.44 -20.18
N ASN C 79 28.63 10.00 -21.05
CA ASN C 79 28.48 11.34 -21.60
C ASN C 79 29.23 11.54 -22.90
N ALA C 80 28.81 12.54 -23.71
CA ALA C 80 29.48 12.98 -24.94
C ALA C 80 29.48 14.49 -25.01
N TRP C 81 30.63 15.05 -25.37
CA TRP C 81 30.79 16.48 -25.51
C TRP C 81 31.84 16.84 -26.53
N ILE C 82 31.81 18.10 -26.98
CA ILE C 82 32.75 18.71 -27.95
C ILE C 82 33.53 19.86 -27.24
N GLU C 83 34.84 19.93 -27.50
CA GLU C 83 35.71 20.97 -26.98
C GLU C 83 36.42 21.65 -28.16
N ARG C 84 36.52 23.00 -28.15
CA ARG C 84 37.29 23.77 -29.14
C ARG C 84 38.61 24.09 -28.45
N HIS C 85 39.72 23.64 -29.07
CA HIS C 85 41.06 23.79 -28.55
C HIS C 85 41.84 24.76 -29.40
N GLU C 86 42.04 25.98 -28.89
CA GLU C 86 42.78 27.03 -29.57
C GLU C 86 44.29 26.80 -29.42
N ARG C 87 44.98 26.56 -30.56
CA ARG C 87 46.43 26.36 -30.68
C ARG C 87 46.96 27.57 -31.48
N PRO C 88 47.19 28.75 -30.83
CA PRO C 88 47.60 29.94 -31.59
C PRO C 88 49.03 29.93 -32.12
N VAL C 90 49.95 25.38 -32.56
CA VAL C 90 50.23 26.68 -33.17
C VAL C 90 49.97 26.57 -34.71
N THR C 91 48.69 26.80 -35.11
CA THR C 91 48.17 26.72 -36.49
C THR C 91 47.17 27.87 -36.83
N THR C 92 46.94 28.82 -35.87
CA THR C 92 46.03 29.99 -35.88
C THR C 92 44.54 29.58 -35.71
N GLU C 93 44.06 28.58 -36.49
CA GLU C 93 42.68 28.09 -36.46
C GLU C 93 42.48 26.89 -35.52
N ALA C 94 41.59 27.07 -34.51
CA ALA C 94 41.24 26.10 -33.45
C ALA C 94 40.88 24.71 -33.93
N VAL C 95 41.20 23.71 -33.11
CA VAL C 95 40.96 22.29 -33.37
C VAL C 95 39.77 21.81 -32.54
N HIS C 96 38.80 21.11 -33.16
CA HIS C 96 37.64 20.56 -32.45
C HIS C 96 37.85 19.10 -32.04
N TYR C 97 37.51 18.78 -30.78
CA TYR C 97 37.61 17.44 -30.23
C TYR C 97 36.26 16.96 -29.69
N LEU C 98 35.92 15.70 -29.96
CA LEU C 98 34.71 15.06 -29.44
C LEU C 98 35.22 14.07 -28.39
N TYR C 99 34.52 13.99 -27.25
CA TYR C 99 34.81 13.08 -26.16
C TYR C 99 33.57 12.28 -25.88
N ILE C 100 33.69 10.95 -25.95
CA ILE C 100 32.64 9.97 -25.67
C ILE C 100 33.18 9.27 -24.45
N GLN C 101 32.53 9.49 -23.31
CA GLN C 101 32.89 8.91 -22.02
C GLN C 101 32.07 7.65 -21.87
N MET C 102 32.74 6.48 -21.82
CA MET C 102 32.09 5.19 -21.71
C MET C 102 32.62 4.39 -20.53
N GLU C 103 32.19 3.12 -20.37
CA GLU C 103 32.60 2.35 -19.21
C GLU C 103 33.98 1.71 -19.33
N TYR C 104 34.65 1.56 -18.16
CA TYR C 104 35.92 0.92 -18.01
C TYR C 104 35.69 -0.53 -17.69
N CYS C 105 36.35 -1.39 -18.46
CA CYS C 105 36.31 -2.84 -18.36
C CYS C 105 37.72 -3.30 -17.97
N GLU C 106 37.86 -3.72 -16.71
CA GLU C 106 39.10 -4.16 -16.04
C GLU C 106 39.78 -5.36 -16.68
N LYS C 107 39.04 -6.47 -16.93
CA LYS C 107 39.57 -7.73 -17.49
C LYS C 107 39.94 -7.67 -19.00
N SER C 108 40.17 -6.45 -19.51
CA SER C 108 40.62 -6.12 -20.87
C SER C 108 39.68 -6.62 -21.99
N THR C 109 40.25 -7.08 -23.12
CA THR C 109 39.56 -7.55 -24.33
C THR C 109 39.40 -9.05 -24.40
N LEU C 110 38.43 -9.49 -25.23
CA LEU C 110 38.22 -10.90 -25.53
C LEU C 110 39.47 -11.39 -26.27
N ARG C 111 40.08 -10.54 -27.11
CA ARG C 111 41.30 -10.84 -27.85
C ARG C 111 42.41 -11.33 -26.92
N ASP C 112 42.67 -10.58 -25.81
CA ASP C 112 43.68 -10.94 -24.82
C ASP C 112 43.30 -12.23 -24.11
N THR C 113 42.01 -12.37 -23.70
CA THR C 113 41.46 -13.56 -23.03
C THR C 113 41.61 -14.83 -23.92
N ILE C 114 41.51 -14.68 -25.26
CA ILE C 114 41.70 -15.75 -26.24
C ILE C 114 43.20 -16.09 -26.30
N ASP C 115 44.06 -15.04 -26.41
CA ASP C 115 45.52 -15.14 -26.48
C ASP C 115 46.12 -15.76 -25.22
N GLN C 116 45.35 -15.73 -24.12
CA GLN C 116 45.65 -16.29 -22.80
C GLN C 116 45.11 -17.74 -22.64
N GLY C 117 44.73 -18.38 -23.76
CA GLY C 117 44.23 -19.75 -23.83
C GLY C 117 42.86 -20.06 -23.24
N LEU C 118 41.83 -19.26 -23.62
CA LEU C 118 40.42 -19.39 -23.19
C LEU C 118 39.85 -20.75 -23.62
N TYR C 119 40.32 -21.26 -24.77
CA TYR C 119 39.90 -22.52 -25.38
C TYR C 119 39.95 -23.72 -24.42
N ARG C 120 40.76 -23.61 -23.33
CA ARG C 120 40.94 -24.65 -22.30
C ARG C 120 39.78 -24.67 -21.26
N ASP C 121 39.15 -23.49 -20.95
CA ASP C 121 38.00 -23.40 -20.05
C ASP C 121 36.73 -23.40 -20.90
N THR C 122 36.13 -24.60 -21.05
CA THR C 122 34.94 -24.81 -21.88
C THR C 122 33.67 -24.20 -21.27
N VAL C 123 33.58 -24.14 -19.94
CA VAL C 123 32.43 -23.58 -19.20
C VAL C 123 32.39 -22.06 -19.45
N ARG C 124 33.55 -21.40 -19.35
CA ARG C 124 33.74 -19.97 -19.56
C ARG C 124 33.54 -19.58 -21.03
N LEU C 125 34.15 -20.32 -21.99
CA LEU C 125 34.05 -19.97 -23.42
C LEU C 125 32.62 -20.05 -23.96
N TRP C 126 31.82 -20.98 -23.46
CA TRP C 126 30.42 -21.14 -23.87
C TRP C 126 29.58 -20.05 -23.24
N ARG C 127 29.89 -19.70 -21.97
CA ARG C 127 29.22 -18.62 -21.23
C ARG C 127 29.48 -17.29 -21.94
N LEU C 128 30.78 -16.94 -22.18
CA LEU C 128 31.18 -15.71 -22.86
C LEU C 128 30.61 -15.65 -24.27
N PHE C 129 30.36 -16.81 -24.90
CA PHE C 129 29.74 -16.88 -26.22
C PHE C 129 28.25 -16.51 -26.10
N ARG C 130 27.55 -17.12 -25.11
CA ARG C 130 26.14 -16.87 -24.79
C ARG C 130 25.92 -15.36 -24.49
N GLU C 131 26.84 -14.74 -23.71
CA GLU C 131 26.81 -13.32 -23.34
C GLU C 131 27.02 -12.37 -24.53
N ILE C 132 27.78 -12.80 -25.56
CA ILE C 132 27.95 -11.99 -26.77
C ILE C 132 26.61 -12.09 -27.51
N LEU C 133 25.93 -13.27 -27.45
CA LEU C 133 24.64 -13.47 -28.09
C LEU C 133 23.50 -12.69 -27.43
N ASP C 134 23.43 -12.68 -26.06
CA ASP C 134 22.42 -11.91 -25.30
C ASP C 134 22.52 -10.44 -25.68
N GLY C 135 23.75 -9.93 -25.79
CA GLY C 135 24.04 -8.55 -26.15
C GLY C 135 23.67 -8.23 -27.58
N LEU C 136 24.14 -9.06 -28.54
CA LEU C 136 23.86 -8.93 -29.98
C LEU C 136 22.36 -9.05 -30.28
N ALA C 137 21.63 -9.90 -29.52
CA ALA C 137 20.18 -10.07 -29.62
C ALA C 137 19.48 -8.76 -29.32
N TYR C 138 19.94 -8.00 -28.30
CA TYR C 138 19.39 -6.70 -27.90
C TYR C 138 19.50 -5.73 -29.07
N ILE C 139 20.72 -5.49 -29.58
CA ILE C 139 21.02 -4.60 -30.72
C ILE C 139 20.12 -4.96 -31.92
N HIS C 140 19.92 -6.26 -32.16
CA HIS C 140 19.13 -6.76 -33.28
C HIS C 140 17.62 -6.55 -33.08
N GLU C 141 17.14 -6.77 -31.83
CA GLU C 141 15.75 -6.58 -31.40
C GLU C 141 15.43 -5.07 -31.47
N LYS C 142 16.50 -4.22 -31.51
CA LYS C 142 16.45 -2.76 -31.61
C LYS C 142 16.60 -2.30 -33.09
N GLY C 143 16.50 -3.24 -34.03
CA GLY C 143 16.57 -2.99 -35.47
C GLY C 143 17.82 -2.28 -35.93
N MET C 144 19.00 -2.75 -35.43
CA MET C 144 20.34 -2.22 -35.73
C MET C 144 21.33 -3.31 -36.15
N ILE C 145 22.49 -2.88 -36.70
CA ILE C 145 23.63 -3.74 -37.06
C ILE C 145 24.88 -3.07 -36.43
N HIS C 146 25.71 -3.85 -35.70
CA HIS C 146 26.93 -3.36 -35.04
C HIS C 146 28.04 -3.00 -36.03
N ARG C 147 28.32 -3.94 -36.98
CA ARG C 147 29.33 -3.87 -38.05
C ARG C 147 30.81 -3.90 -37.58
N ASN C 148 31.07 -3.85 -36.27
CA ASN C 148 32.45 -3.82 -35.77
C ASN C 148 32.67 -4.88 -34.70
N LEU C 149 32.00 -6.03 -34.84
CA LEU C 149 32.09 -7.13 -33.89
C LEU C 149 33.37 -7.92 -34.17
N LYS C 150 34.41 -7.66 -33.35
CA LYS C 150 35.71 -8.33 -33.44
C LYS C 150 36.29 -8.48 -32.05
N PRO C 151 37.17 -9.47 -31.77
CA PRO C 151 37.70 -9.66 -30.41
C PRO C 151 38.34 -8.45 -29.73
N VAL C 152 38.84 -7.47 -30.50
CA VAL C 152 39.45 -6.24 -29.95
C VAL C 152 38.41 -5.16 -29.62
N ASN C 153 37.11 -5.47 -29.86
CA ASN C 153 35.97 -4.58 -29.62
C ASN C 153 34.94 -5.25 -28.71
N ILE C 154 35.36 -6.25 -27.94
CA ILE C 154 34.56 -6.99 -26.97
C ILE C 154 35.45 -7.01 -25.74
N PHE C 155 34.94 -6.47 -24.63
CA PHE C 155 35.67 -6.32 -23.37
C PHE C 155 35.09 -7.15 -22.24
N LEU C 156 35.85 -7.30 -21.14
CA LEU C 156 35.39 -8.04 -19.96
C LEU C 156 35.55 -7.16 -18.73
N ASP C 157 34.48 -7.01 -17.93
CA ASP C 157 34.51 -6.22 -16.70
C ASP C 157 35.16 -7.02 -15.55
N SER C 158 35.39 -6.36 -14.39
CA SER C 158 35.97 -6.95 -13.17
C SER C 158 35.37 -8.32 -12.74
N ASP C 159 34.12 -8.65 -13.20
CA ASP C 159 33.38 -9.89 -12.90
C ASP C 159 33.50 -10.98 -13.98
N ASP C 160 34.27 -10.71 -15.05
CA ASP C 160 34.49 -11.58 -16.21
C ASP C 160 33.20 -11.74 -17.00
N HIS C 161 32.63 -10.60 -17.41
CA HIS C 161 31.41 -10.51 -18.18
C HIS C 161 31.60 -9.72 -19.46
N VAL C 162 31.18 -10.32 -20.58
CA VAL C 162 31.25 -9.74 -21.92
C VAL C 162 30.56 -8.41 -21.94
N LYS C 163 31.22 -7.40 -22.53
CA LYS C 163 30.68 -6.08 -22.73
C LYS C 163 31.02 -5.70 -24.16
N ILE C 164 30.07 -5.91 -25.08
CA ILE C 164 30.20 -5.57 -26.50
C ILE C 164 30.56 -4.08 -26.57
N GLY C 165 31.62 -3.77 -27.30
CA GLY C 165 32.12 -2.40 -27.46
C GLY C 165 31.18 -1.53 -28.26
N ASP C 166 31.56 -0.26 -28.42
CA ASP C 166 30.80 0.73 -29.19
C ASP C 166 30.99 0.44 -30.69
N PHE C 167 30.19 1.09 -31.55
CA PHE C 167 30.27 0.91 -33.01
C PHE C 167 31.63 1.35 -33.54
N GLY C 168 32.00 2.61 -33.28
CA GLY C 168 33.28 3.19 -33.65
C GLY C 168 33.71 3.20 -35.12
N LEU C 169 32.75 3.28 -36.08
CA LEU C 169 33.06 3.35 -37.53
C LEU C 169 32.54 4.69 -38.12
N ALA C 170 31.30 4.69 -38.67
CA ALA C 170 30.53 5.78 -39.28
C ALA C 170 29.55 5.14 -40.29
N THR C 171 28.72 4.13 -39.84
CA THR C 171 27.81 3.35 -40.72
C THR C 171 26.36 3.01 -40.13
N ASP C 172 26.21 1.80 -39.48
CA ASP C 172 25.07 1.16 -38.77
C ASP C 172 23.66 1.23 -39.44
N HIS C 173 22.59 0.81 -38.69
CA HIS C 173 21.18 0.77 -39.11
C HIS C 173 20.29 1.54 -38.10
N GLY C 203 45.68 -8.48 -41.01
CA GLY C 203 44.28 -8.91 -41.16
C GLY C 203 43.32 -8.30 -40.16
N THR C 204 42.52 -7.31 -40.62
CA THR C 204 41.53 -6.56 -39.82
C THR C 204 40.06 -6.80 -40.30
N ALA C 205 39.92 -7.24 -41.58
CA ALA C 205 38.65 -7.51 -42.25
C ALA C 205 38.39 -9.02 -42.55
N LEU C 206 38.87 -9.91 -41.63
CA LEU C 206 38.66 -11.37 -41.67
C LEU C 206 37.31 -11.67 -41.02
N TYR C 207 36.80 -10.72 -40.20
CA TYR C 207 35.54 -10.84 -39.49
C TYR C 207 34.41 -10.29 -40.34
N VAL C 208 34.75 -9.51 -41.39
CA VAL C 208 33.80 -8.93 -42.35
C VAL C 208 33.14 -10.05 -43.19
N SER C 209 31.82 -9.96 -43.35
CA SER C 209 30.95 -10.89 -44.06
C SER C 209 31.20 -10.87 -45.56
N PRO C 210 30.97 -12.00 -46.28
CA PRO C 210 31.17 -11.98 -47.75
C PRO C 210 30.22 -11.02 -48.48
N GLU C 211 29.06 -10.69 -47.86
CA GLU C 211 28.04 -9.78 -48.40
C GLU C 211 28.43 -8.31 -48.31
N VAL C 212 29.09 -7.89 -47.21
CA VAL C 212 29.48 -6.49 -46.99
C VAL C 212 30.63 -6.08 -47.92
N GLN C 213 31.68 -6.92 -48.01
CA GLN C 213 32.89 -6.69 -48.81
C GLN C 213 32.60 -6.48 -50.30
N GLY C 214 31.70 -7.27 -50.85
CA GLY C 214 31.30 -7.16 -52.26
C GLY C 214 30.07 -6.29 -52.42
N SER C 215 28.89 -6.90 -52.26
CA SER C 215 27.56 -6.30 -52.36
C SER C 215 27.32 -5.14 -51.36
N THR C 216 26.25 -4.38 -51.60
CA THR C 216 25.74 -3.27 -50.79
C THR C 216 24.21 -3.22 -51.00
N LYS C 217 23.56 -4.38 -50.72
CA LYS C 217 22.14 -4.65 -50.81
C LYS C 217 21.84 -5.80 -49.84
N SER C 218 22.87 -6.63 -49.60
CA SER C 218 22.85 -7.79 -48.70
C SER C 218 23.61 -7.43 -47.41
N ALA C 219 24.36 -6.30 -47.44
CA ALA C 219 25.15 -5.74 -46.35
C ALA C 219 24.25 -5.15 -45.26
N TYR C 220 23.03 -4.69 -45.64
CA TYR C 220 22.03 -4.07 -44.76
C TYR C 220 21.17 -5.16 -44.07
N ASN C 221 21.85 -6.22 -43.62
CA ASN C 221 21.30 -7.41 -42.97
C ASN C 221 21.85 -7.53 -41.55
N GLN C 222 21.05 -8.10 -40.64
CA GLN C 222 21.47 -8.29 -39.25
C GLN C 222 22.35 -9.52 -39.12
N LYS C 223 22.36 -10.41 -40.15
CA LYS C 223 23.14 -11.65 -40.20
C LYS C 223 24.62 -11.38 -40.57
N VAL C 224 24.98 -10.09 -40.69
CA VAL C 224 26.31 -9.58 -40.97
C VAL C 224 27.20 -9.74 -39.71
N ASP C 225 26.61 -9.49 -38.52
CA ASP C 225 27.27 -9.60 -37.21
C ASP C 225 27.43 -11.04 -36.77
N LEU C 226 26.53 -11.91 -37.22
CA LEU C 226 26.51 -13.33 -36.87
C LEU C 226 27.56 -14.10 -37.62
N PHE C 227 27.99 -13.58 -38.81
CA PHE C 227 29.09 -14.16 -39.58
C PHE C 227 30.39 -13.91 -38.82
N SER C 228 30.58 -12.65 -38.31
CA SER C 228 31.75 -12.20 -37.52
C SER C 228 31.86 -13.07 -36.27
N LEU C 229 30.72 -13.28 -35.59
CA LEU C 229 30.58 -14.09 -34.38
C LEU C 229 31.01 -15.55 -34.62
N GLY C 230 30.95 -15.98 -35.89
CA GLY C 230 31.36 -17.30 -36.34
C GLY C 230 32.86 -17.42 -36.24
N ILE C 231 33.58 -16.43 -36.82
CA ILE C 231 35.05 -16.30 -36.82
C ILE C 231 35.53 -16.14 -35.37
N ILE C 232 34.88 -15.23 -34.59
CA ILE C 232 35.21 -14.94 -33.20
C ILE C 232 35.08 -16.19 -32.34
N PHE C 233 33.95 -16.95 -32.46
CA PHE C 233 33.76 -18.18 -31.68
C PHE C 233 34.77 -19.27 -32.04
N PHE C 234 35.24 -19.33 -33.31
CA PHE C 234 36.25 -20.30 -33.71
C PHE C 234 37.53 -20.07 -32.90
N GLU C 235 38.02 -18.80 -32.91
CA GLU C 235 39.19 -18.28 -32.19
C GLU C 235 39.09 -18.53 -30.69
N MET C 236 37.86 -18.40 -30.15
CA MET C 236 37.53 -18.58 -28.73
C MET C 236 37.63 -20.05 -28.32
N SER C 237 37.50 -20.96 -29.31
CA SER C 237 37.50 -22.44 -29.18
C SER C 237 38.84 -23.07 -29.56
N TYR C 238 39.65 -22.35 -30.37
CA TYR C 238 40.95 -22.81 -30.87
C TYR C 238 42.11 -22.26 -30.03
N HIS C 239 43.25 -22.95 -30.07
CA HIS C 239 44.48 -22.54 -29.37
C HIS C 239 44.97 -21.14 -29.87
N PRO C 240 45.61 -20.30 -29.02
CA PRO C 240 46.09 -18.99 -29.48
C PRO C 240 46.95 -19.00 -30.74
N MET C 241 46.52 -18.23 -31.78
CA MET C 241 47.24 -18.08 -33.05
C MET C 241 47.83 -16.67 -33.08
N VAL C 242 48.91 -16.46 -32.32
CA VAL C 242 49.59 -15.18 -32.10
C VAL C 242 50.35 -14.63 -33.34
N THR C 243 50.81 -15.53 -34.23
CA THR C 243 51.56 -15.16 -35.43
C THR C 243 50.64 -14.75 -36.58
N ALA C 244 51.05 -13.75 -37.38
CA ALA C 244 50.28 -13.29 -38.55
C ALA C 244 50.09 -14.45 -39.51
N SER C 245 51.14 -15.28 -39.71
CA SER C 245 51.12 -16.47 -40.57
C SER C 245 49.97 -17.43 -40.23
N GLU C 246 49.89 -17.91 -38.97
CA GLU C 246 48.86 -18.82 -38.51
C GLU C 246 47.48 -18.18 -38.61
N ARG C 247 47.24 -17.07 -37.86
CA ARG C 247 45.96 -16.37 -37.83
C ARG C 247 45.43 -16.00 -39.22
N ILE C 248 46.27 -15.42 -40.11
CA ILE C 248 45.84 -15.01 -41.45
C ILE C 248 45.40 -16.23 -42.29
N PHE C 249 46.14 -17.34 -42.25
CA PHE C 249 45.81 -18.57 -42.97
C PHE C 249 44.58 -19.30 -42.42
N VAL C 250 44.65 -19.76 -41.15
CA VAL C 250 43.62 -20.50 -40.41
C VAL C 250 42.23 -19.84 -40.48
N LEU C 251 42.18 -18.49 -40.40
CA LEU C 251 40.95 -17.72 -40.49
C LEU C 251 40.51 -17.49 -41.94
N ASN C 252 41.45 -17.42 -42.92
CA ASN C 252 41.07 -17.29 -44.34
C ASN C 252 40.48 -18.59 -44.86
N GLN C 253 40.87 -19.74 -44.23
CA GLN C 253 40.43 -21.11 -44.49
C GLN C 253 38.94 -21.31 -44.15
N LEU C 254 38.48 -20.66 -43.06
CA LEU C 254 37.12 -20.67 -42.55
C LEU C 254 36.17 -19.91 -43.48
N ARG C 255 36.69 -18.84 -44.09
CA ARG C 255 35.96 -17.92 -44.96
C ARG C 255 35.75 -18.41 -46.40
N ASP C 256 36.29 -19.60 -46.76
CA ASP C 256 36.17 -20.15 -48.13
C ASP C 256 34.71 -20.39 -48.54
N PRO C 257 34.25 -19.75 -49.67
CA PRO C 257 32.83 -19.92 -50.10
C PRO C 257 32.50 -21.35 -50.51
N THR C 258 33.46 -21.98 -51.23
CA THR C 258 33.37 -23.35 -51.72
C THR C 258 33.33 -24.34 -50.53
N SER C 259 34.31 -24.23 -49.60
CA SER C 259 34.41 -25.11 -48.43
C SER C 259 35.01 -24.44 -47.15
N PRO C 260 34.20 -24.16 -46.09
CA PRO C 260 34.77 -23.65 -44.82
C PRO C 260 35.62 -24.78 -44.20
N LYS C 261 36.95 -24.71 -44.45
CA LYS C 261 37.99 -25.70 -44.12
C LYS C 261 37.97 -26.26 -42.68
N PHE C 262 38.38 -25.47 -41.66
CA PHE C 262 38.50 -25.86 -40.24
C PHE C 262 39.73 -26.76 -40.04
N PRO C 263 40.73 -26.32 -39.22
CA PRO C 263 41.97 -27.11 -39.05
C PRO C 263 41.81 -28.54 -38.56
N GLU C 264 42.84 -29.36 -38.82
CA GLU C 264 42.89 -30.76 -38.41
C GLU C 264 43.08 -30.93 -36.89
N ASP C 265 43.75 -29.94 -36.22
CA ASP C 265 43.98 -29.90 -34.76
C ASP C 265 42.64 -30.01 -34.05
N PHE C 266 41.61 -29.39 -34.67
CA PHE C 266 40.23 -29.40 -34.23
C PHE C 266 39.68 -30.80 -34.45
N ASP C 267 39.80 -31.63 -33.40
CA ASP C 267 39.32 -33.01 -33.39
C ASP C 267 37.81 -33.02 -33.19
N ASP C 268 37.10 -33.83 -33.99
CA ASP C 268 35.64 -33.98 -33.95
C ASP C 268 35.08 -34.50 -32.61
N GLY C 269 35.93 -35.11 -31.78
CA GLY C 269 35.56 -35.66 -30.49
C GLY C 269 35.29 -34.64 -29.39
N GLU C 270 36.37 -34.06 -28.84
CA GLU C 270 36.34 -33.07 -27.75
C GLU C 270 35.59 -31.75 -28.10
N HIS C 271 35.37 -31.48 -29.40
CA HIS C 271 34.70 -30.27 -29.85
C HIS C 271 33.32 -30.59 -30.43
N ALA C 272 33.17 -30.63 -31.79
CA ALA C 272 31.93 -30.96 -32.51
C ALA C 272 30.79 -29.97 -32.32
N LYS C 273 30.29 -29.78 -31.06
CA LYS C 273 29.24 -28.82 -30.69
C LYS C 273 29.64 -27.44 -31.17
N GLN C 274 30.95 -27.09 -30.97
CA GLN C 274 31.58 -25.84 -31.38
C GLN C 274 31.54 -25.75 -32.89
N LYS C 275 32.03 -26.81 -33.60
CA LYS C 275 32.06 -26.91 -35.07
C LYS C 275 30.66 -26.80 -35.69
N SER C 276 29.62 -27.31 -34.98
CA SER C 276 28.22 -27.27 -35.38
C SER C 276 27.74 -25.82 -35.38
N VAL C 277 28.01 -25.07 -34.27
CA VAL C 277 27.67 -23.65 -34.09
C VAL C 277 28.46 -22.77 -35.07
N ILE C 278 29.79 -23.01 -35.20
CA ILE C 278 30.69 -22.24 -36.08
C ILE C 278 30.27 -22.33 -37.56
N SER C 279 29.97 -23.55 -38.06
CA SER C 279 29.56 -23.79 -39.46
C SER C 279 28.16 -23.19 -39.77
N TRP C 280 27.25 -23.27 -38.78
CA TRP C 280 25.88 -22.74 -38.76
C TRP C 280 25.98 -21.23 -39.06
N LEU C 281 26.79 -20.50 -38.26
CA LEU C 281 27.05 -19.05 -38.36
C LEU C 281 27.89 -18.68 -39.59
N LEU C 282 28.90 -19.51 -39.92
CA LEU C 282 29.81 -19.26 -41.05
C LEU C 282 29.26 -19.64 -42.43
N ASN C 283 27.94 -19.90 -42.52
CA ASN C 283 27.27 -20.23 -43.77
C ASN C 283 27.46 -19.11 -44.83
N HIS C 284 27.81 -19.48 -46.08
CA HIS C 284 28.02 -18.47 -47.15
C HIS C 284 26.72 -17.71 -47.48
N ASP C 285 25.58 -18.42 -47.39
CA ASP C 285 24.24 -17.89 -47.62
C ASP C 285 23.73 -17.21 -46.34
N PRO C 286 23.67 -15.86 -46.36
CA PRO C 286 23.15 -15.11 -45.21
C PRO C 286 21.84 -15.65 -44.62
N ALA C 287 20.91 -16.10 -45.49
CA ALA C 287 19.60 -16.65 -45.15
C ALA C 287 19.70 -17.98 -44.39
N LYS C 288 20.75 -18.78 -44.69
CA LYS C 288 21.02 -20.09 -44.08
C LYS C 288 21.71 -20.00 -42.70
N ARG C 289 21.93 -18.78 -42.17
CA ARG C 289 22.55 -18.52 -40.85
C ARG C 289 21.45 -18.35 -39.80
N PRO C 290 21.68 -18.61 -38.49
CA PRO C 290 20.62 -18.37 -37.51
C PRO C 290 20.51 -16.89 -37.15
N THR C 291 19.54 -16.55 -36.28
CA THR C 291 19.41 -15.21 -35.75
C THR C 291 19.98 -15.33 -34.33
N ALA C 292 20.19 -14.19 -33.61
CA ALA C 292 20.72 -14.24 -32.25
C ALA C 292 19.77 -14.97 -31.31
N THR C 293 18.45 -14.88 -31.58
CA THR C 293 17.39 -15.53 -30.82
C THR C 293 17.25 -17.01 -31.23
N GLU C 294 17.40 -17.33 -32.55
CA GLU C 294 17.34 -18.68 -33.13
C GLU C 294 18.44 -19.55 -32.51
N LEU C 295 19.67 -19.01 -32.42
CA LEU C 295 20.86 -19.64 -31.87
C LEU C 295 20.83 -19.75 -30.34
N LEU C 296 20.12 -18.85 -29.65
CA LEU C 296 20.01 -18.96 -28.20
C LEU C 296 18.94 -20.00 -27.84
N LYS C 297 18.02 -20.25 -28.78
CA LYS C 297 16.96 -21.25 -28.68
C LYS C 297 17.44 -22.56 -29.37
N SER C 298 18.77 -22.73 -29.51
CA SER C 298 19.41 -23.90 -30.12
C SER C 298 19.86 -24.88 -29.03
N GLU C 299 19.80 -26.19 -29.37
CA GLU C 299 20.18 -27.33 -28.53
C GLU C 299 21.69 -27.43 -28.32
N LEU C 300 22.47 -26.98 -29.34
CA LEU C 300 23.96 -26.99 -29.42
C LEU C 300 24.63 -26.27 -28.24
N LEU C 301 24.01 -25.14 -27.82
CA LEU C 301 24.45 -24.30 -26.72
C LEU C 301 24.06 -24.94 -25.37
N PRO C 302 25.05 -25.42 -24.57
CA PRO C 302 24.73 -26.04 -23.27
C PRO C 302 23.98 -25.11 -22.25
N PRO C 303 23.45 -25.62 -21.09
CA PRO C 303 22.72 -24.72 -20.18
C PRO C 303 23.58 -23.66 -19.47
N PRO C 304 23.08 -22.39 -19.31
CA PRO C 304 23.90 -21.38 -18.62
C PRO C 304 23.88 -21.53 -17.09
N GLN C 305 24.87 -22.31 -16.56
CA GLN C 305 25.04 -22.59 -15.12
C GLN C 305 25.54 -21.36 -14.32
N MET C 306 24.63 -20.37 -14.12
CA MET C 306 24.90 -19.14 -13.40
C MET C 306 24.34 -19.22 -11.98
N SER D 10 -30.17 4.52 -11.34
CA SER D 10 -30.11 3.55 -10.26
C SER D 10 -28.97 3.81 -9.25
N ARG D 11 -29.36 4.05 -7.98
CA ARG D 11 -28.54 4.33 -6.80
C ARG D 11 -27.43 3.30 -6.59
N TYR D 12 -27.75 2.00 -6.76
CA TYR D 12 -26.76 0.95 -6.58
C TYR D 12 -25.56 1.12 -7.48
N PHE D 13 -25.78 1.41 -8.77
CA PHE D 13 -24.73 1.56 -9.77
C PHE D 13 -24.03 2.93 -9.79
N ILE D 14 -24.73 3.97 -9.31
CA ILE D 14 -24.23 5.33 -9.27
C ILE D 14 -23.60 5.70 -7.89
N GLU D 15 -23.85 4.90 -6.83
CA GLU D 15 -23.25 5.17 -5.51
C GLU D 15 -22.18 4.19 -5.11
N PHE D 16 -22.34 2.90 -5.50
CA PHE D 16 -21.44 1.77 -5.23
C PHE D 16 -20.74 1.24 -6.48
N GLU D 17 -19.43 0.97 -6.32
CA GLU D 17 -18.54 0.40 -7.33
C GLU D 17 -18.34 -1.10 -7.05
N GLU D 18 -18.98 -2.00 -7.85
CA GLU D 18 -18.85 -3.47 -7.70
C GLU D 18 -17.36 -3.90 -7.71
N LEU D 19 -17.00 -4.94 -6.91
CA LEU D 19 -15.60 -5.36 -6.79
C LEU D 19 -15.35 -6.86 -6.86
N GLN D 20 -16.30 -7.68 -6.39
CA GLN D 20 -16.17 -9.15 -6.30
C GLN D 20 -17.55 -9.70 -5.96
N LEU D 21 -17.93 -10.86 -6.49
CA LEU D 21 -19.19 -11.52 -6.15
C LEU D 21 -18.84 -12.52 -5.03
N LEU D 22 -19.41 -12.32 -3.81
CA LEU D 22 -19.11 -13.18 -2.65
C LEU D 22 -19.98 -14.44 -2.60
N GLY D 23 -21.22 -14.36 -3.11
CA GLY D 23 -22.18 -15.46 -3.16
C GLY D 23 -23.19 -15.32 -4.28
N LYS D 24 -23.80 -16.45 -4.71
CA LYS D 24 -24.80 -16.53 -5.80
C LYS D 24 -25.81 -17.68 -5.62
N GLY D 25 -26.87 -17.66 -6.44
CA GLY D 25 -27.92 -18.68 -6.47
C GLY D 25 -29.16 -18.20 -7.19
N ALA D 26 -30.23 -19.02 -7.21
CA ALA D 26 -31.52 -18.62 -7.79
C ALA D 26 -32.24 -17.62 -6.81
N PHE D 27 -31.78 -17.62 -5.52
CA PHE D 27 -32.21 -16.74 -4.41
C PHE D 27 -31.85 -15.27 -4.74
N GLY D 28 -30.63 -15.08 -5.25
CA GLY D 28 -30.04 -13.80 -5.60
C GLY D 28 -28.53 -13.85 -5.55
N ALA D 29 -27.92 -12.81 -4.96
CA ALA D 29 -26.47 -12.67 -4.86
C ALA D 29 -26.05 -11.77 -3.72
N VAL D 30 -24.76 -11.84 -3.34
CA VAL D 30 -24.02 -11.01 -2.36
C VAL D 30 -22.77 -10.50 -3.12
N ILE D 31 -22.61 -9.15 -3.20
CA ILE D 31 -21.52 -8.50 -3.93
C ILE D 31 -20.67 -7.65 -2.95
N LYS D 32 -19.33 -7.62 -3.16
CA LYS D 32 -18.41 -6.73 -2.41
C LYS D 32 -18.38 -5.44 -3.22
N VAL D 33 -18.87 -4.35 -2.62
CA VAL D 33 -18.98 -3.04 -3.26
C VAL D 33 -18.16 -2.04 -2.46
N GLN D 34 -17.82 -0.91 -3.05
CA GLN D 34 -17.16 0.17 -2.37
C GLN D 34 -18.05 1.37 -2.55
N ASN D 35 -18.34 2.09 -1.46
CA ASN D 35 -19.18 3.27 -1.58
C ASN D 35 -18.31 4.41 -2.07
N LYS D 36 -18.70 5.00 -3.21
CA LYS D 36 -17.98 6.08 -3.87
C LYS D 36 -17.72 7.31 -2.97
N LEU D 37 -18.62 7.61 -1.99
CA LEU D 37 -18.48 8.79 -1.11
C LEU D 37 -17.65 8.55 0.15
N ASP D 38 -17.94 7.49 0.94
CA ASP D 38 -17.14 7.22 2.15
C ASP D 38 -15.82 6.46 1.82
N GLY D 39 -15.88 5.45 0.95
CA GLY D 39 -14.72 4.68 0.52
C GLY D 39 -14.60 3.32 1.17
N CYS D 40 -15.70 2.87 1.78
CA CYS D 40 -15.79 1.62 2.50
C CYS D 40 -16.42 0.52 1.68
N CYS D 41 -15.96 -0.71 1.90
CA CYS D 41 -16.51 -1.90 1.26
C CYS D 41 -17.61 -2.43 2.14
N TYR D 42 -18.67 -2.93 1.49
CA TYR D 42 -19.84 -3.48 2.15
C TYR D 42 -20.21 -4.78 1.44
N ALA D 43 -21.16 -5.55 1.96
CA ALA D 43 -21.67 -6.74 1.29
C ALA D 43 -23.15 -6.46 1.05
N VAL D 44 -23.48 -6.09 -0.20
CA VAL D 44 -24.84 -5.84 -0.66
C VAL D 44 -25.42 -7.16 -1.15
N LYS D 45 -26.58 -7.53 -0.60
CA LYS D 45 -27.33 -8.73 -0.95
C LYS D 45 -28.52 -8.27 -1.78
N ARG D 46 -28.53 -8.67 -3.08
CA ARG D 46 -29.57 -8.32 -4.07
C ARG D 46 -30.49 -9.53 -4.33
N ILE D 47 -31.79 -9.35 -4.13
CA ILE D 47 -32.80 -10.39 -4.22
C ILE D 47 -33.89 -9.99 -5.22
N PRO D 48 -34.22 -10.82 -6.26
CA PRO D 48 -35.36 -10.48 -7.12
C PRO D 48 -36.66 -10.67 -6.32
N ILE D 49 -37.46 -9.60 -6.19
CA ILE D 49 -38.70 -9.62 -5.38
C ILE D 49 -39.94 -9.09 -6.11
N ASN D 50 -41.11 -9.58 -5.70
CA ASN D 50 -42.39 -9.09 -6.19
C ASN D 50 -43.01 -8.30 -4.99
N PRO D 51 -43.10 -6.94 -5.05
CA PRO D 51 -43.64 -6.17 -3.90
C PRO D 51 -44.99 -6.65 -3.32
N ALA D 52 -45.79 -7.34 -4.14
CA ALA D 52 -47.09 -7.88 -3.77
C ALA D 52 -47.03 -9.29 -3.18
N SER D 53 -45.91 -10.02 -3.36
CA SER D 53 -45.80 -11.39 -2.86
C SER D 53 -45.79 -11.50 -1.33
N ARG D 54 -46.40 -12.60 -0.82
CA ARG D 54 -46.48 -12.96 0.61
C ARG D 54 -45.11 -13.41 1.09
N GLN D 55 -44.20 -13.70 0.15
CA GLN D 55 -42.82 -14.07 0.42
C GLN D 55 -42.03 -12.78 0.61
N PHE D 56 -42.41 -11.68 -0.09
CA PHE D 56 -41.75 -10.38 0.07
C PHE D 56 -42.05 -9.81 1.45
N ARG D 57 -43.31 -9.89 1.90
CA ARG D 57 -43.76 -9.44 3.22
C ARG D 57 -42.89 -10.10 4.30
N ARG D 58 -42.53 -11.38 4.09
CA ARG D 58 -41.69 -12.15 4.98
C ARG D 58 -40.23 -11.70 4.90
N ILE D 59 -39.76 -11.20 3.72
CA ILE D 59 -38.38 -10.74 3.53
C ILE D 59 -38.19 -9.31 4.09
N LYS D 60 -39.17 -8.41 3.88
CA LYS D 60 -39.17 -7.04 4.41
C LYS D 60 -39.23 -7.06 5.95
N GLY D 61 -39.87 -8.08 6.50
CA GLY D 61 -40.01 -8.25 7.94
C GLY D 61 -38.78 -8.82 8.59
N GLU D 62 -37.84 -9.33 7.78
CA GLU D 62 -36.58 -9.93 8.24
C GLU D 62 -35.48 -8.90 8.22
N VAL D 63 -35.62 -7.90 7.34
CA VAL D 63 -34.74 -6.73 7.14
C VAL D 63 -34.99 -5.79 8.34
N THR D 64 -36.28 -5.66 8.74
CA THR D 64 -36.77 -4.90 9.89
C THR D 64 -36.17 -5.50 11.19
N LEU D 65 -36.26 -6.85 11.36
CA LEU D 65 -35.69 -7.52 12.54
C LEU D 65 -34.20 -7.27 12.65
N LEU D 66 -33.47 -7.40 11.51
CA LEU D 66 -32.01 -7.19 11.35
C LEU D 66 -31.57 -5.77 11.67
N SER D 67 -32.31 -4.76 11.19
CA SER D 67 -32.04 -3.33 11.40
C SER D 67 -32.15 -2.91 12.87
N ARG D 68 -32.80 -3.78 13.68
CA ARG D 68 -33.14 -3.67 15.10
C ARG D 68 -32.30 -4.60 16.04
N LEU D 69 -31.33 -5.37 15.46
CA LEU D 69 -30.38 -6.22 16.17
C LEU D 69 -29.11 -5.39 16.25
N HIS D 70 -28.50 -5.25 17.45
CA HIS D 70 -27.30 -4.42 17.65
C HIS D 70 -26.22 -5.11 18.52
N HIS D 71 -25.63 -6.19 18.01
CA HIS D 71 -24.60 -6.94 18.71
C HIS D 71 -23.29 -6.95 17.94
N GLU D 72 -22.16 -7.09 18.67
CA GLU D 72 -20.79 -7.14 18.14
C GLU D 72 -20.55 -8.47 17.46
N ASN D 73 -21.44 -9.44 17.66
CA ASN D 73 -21.35 -10.77 17.06
C ASN D 73 -22.53 -11.05 16.12
N ILE D 74 -23.13 -9.99 15.57
CA ILE D 74 -24.21 -10.00 14.56
C ILE D 74 -23.71 -9.03 13.47
N VAL D 75 -23.90 -9.41 12.19
CA VAL D 75 -23.50 -8.63 11.02
C VAL D 75 -24.19 -7.25 11.06
N ARG D 76 -23.40 -6.17 10.95
CA ARG D 76 -23.98 -4.83 10.98
C ARG D 76 -24.82 -4.55 9.73
N TYR D 77 -25.95 -3.86 9.92
CA TYR D 77 -26.88 -3.45 8.88
C TYR D 77 -26.62 -1.96 8.59
N TYR D 78 -26.46 -1.59 7.31
CA TYR D 78 -26.23 -0.20 6.94
C TYR D 78 -27.45 0.47 6.32
N ASN D 79 -28.07 -0.17 5.31
CA ASN D 79 -29.25 0.36 4.58
C ASN D 79 -29.88 -0.73 3.71
N ALA D 80 -31.16 -0.54 3.30
CA ALA D 80 -31.92 -1.44 2.44
C ALA D 80 -32.89 -0.65 1.59
N TRP D 81 -32.92 -0.94 0.27
CA TRP D 81 -33.78 -0.26 -0.69
C TRP D 81 -34.32 -1.19 -1.78
N ILE D 82 -35.16 -0.63 -2.68
CA ILE D 82 -35.77 -1.32 -3.82
C ILE D 82 -35.58 -0.50 -5.09
N GLU D 83 -35.27 -1.20 -6.20
CA GLU D 83 -35.07 -0.65 -7.52
C GLU D 83 -35.89 -1.45 -8.55
N ARG D 84 -36.71 -0.74 -9.36
CA ARG D 84 -37.51 -1.34 -10.44
C ARG D 84 -36.73 -1.22 -11.75
N HIS D 85 -36.30 -2.36 -12.32
CA HIS D 85 -35.55 -2.45 -13.58
C HIS D 85 -36.49 -2.86 -14.74
N GLU D 86 -36.37 -2.20 -15.91
CA GLU D 86 -37.22 -2.45 -17.10
C GLU D 86 -36.84 -3.73 -17.89
N ARG D 87 -36.73 -3.65 -19.25
CA ARG D 87 -36.41 -4.72 -20.21
C ARG D 87 -37.46 -5.88 -20.19
N PRO D 88 -38.53 -5.80 -21.04
CA PRO D 88 -39.57 -6.84 -21.04
C PRO D 88 -39.09 -8.20 -21.57
N GLU D 93 -43.01 -7.89 -17.38
CA GLU D 93 -42.09 -7.05 -18.15
C GLU D 93 -40.96 -6.46 -17.29
N ALA D 94 -41.30 -5.57 -16.31
CA ALA D 94 -40.35 -4.93 -15.40
C ALA D 94 -40.12 -5.76 -14.14
N VAL D 95 -38.83 -5.92 -13.75
CA VAL D 95 -38.36 -6.68 -12.59
C VAL D 95 -38.06 -5.78 -11.37
N HIS D 96 -38.20 -6.33 -10.14
CA HIS D 96 -37.95 -5.62 -8.87
C HIS D 96 -36.85 -6.27 -8.05
N TYR D 97 -35.91 -5.48 -7.53
CA TYR D 97 -34.80 -5.98 -6.71
C TYR D 97 -34.70 -5.33 -5.32
N LEU D 98 -34.52 -6.16 -4.25
CA LEU D 98 -34.27 -5.69 -2.89
C LEU D 98 -32.79 -5.74 -2.70
N TYR D 99 -32.18 -4.61 -2.26
CA TYR D 99 -30.74 -4.47 -2.03
C TYR D 99 -30.47 -4.22 -0.55
N ILE D 100 -29.91 -5.20 0.20
CA ILE D 100 -29.59 -5.06 1.64
C ILE D 100 -28.09 -4.86 1.85
N GLN D 101 -27.68 -3.64 2.21
CA GLN D 101 -26.30 -3.22 2.47
C GLN D 101 -25.94 -3.57 3.90
N MET D 102 -24.94 -4.45 4.05
CA MET D 102 -24.43 -4.98 5.33
C MET D 102 -22.92 -4.92 5.38
N GLU D 103 -22.32 -5.22 6.55
CA GLU D 103 -20.87 -5.07 6.69
C GLU D 103 -20.07 -6.11 5.94
N TYR D 104 -18.82 -5.71 5.59
CA TYR D 104 -17.81 -6.53 4.93
C TYR D 104 -16.98 -7.17 6.01
N CYS D 105 -17.07 -8.49 6.07
CA CYS D 105 -16.33 -9.35 6.97
C CYS D 105 -15.24 -10.01 6.14
N GLU D 106 -14.07 -9.34 6.13
CA GLU D 106 -12.82 -9.60 5.43
C GLU D 106 -12.29 -11.06 5.47
N LYS D 107 -12.27 -11.75 6.65
CA LYS D 107 -11.75 -13.14 6.76
C LYS D 107 -12.82 -14.24 6.40
N SER D 108 -13.78 -13.87 5.53
CA SER D 108 -14.92 -14.63 5.00
C SER D 108 -15.66 -15.46 6.04
N THR D 109 -16.11 -16.68 5.65
CA THR D 109 -16.93 -17.56 6.47
C THR D 109 -16.14 -18.35 7.50
N LEU D 110 -16.88 -18.88 8.50
CA LEU D 110 -16.41 -19.79 9.54
C LEU D 110 -16.11 -21.11 8.84
N ARG D 111 -16.91 -21.44 7.80
CA ARG D 111 -16.75 -22.59 6.93
C ARG D 111 -15.32 -22.67 6.41
N ASP D 112 -14.79 -21.58 5.82
CA ASP D 112 -13.40 -21.55 5.34
C ASP D 112 -12.38 -21.69 6.48
N THR D 113 -12.73 -21.21 7.70
CA THR D 113 -11.89 -21.31 8.90
C THR D 113 -11.91 -22.77 9.43
N ILE D 114 -13.06 -23.48 9.32
CA ILE D 114 -13.20 -24.90 9.69
C ILE D 114 -12.32 -25.69 8.70
N ASP D 115 -12.48 -25.38 7.38
CA ASP D 115 -11.79 -25.98 6.25
C ASP D 115 -10.29 -25.69 6.21
N GLN D 116 -9.83 -24.61 6.87
CA GLN D 116 -8.41 -24.22 6.98
C GLN D 116 -7.72 -24.78 8.26
N GLY D 117 -8.42 -25.66 8.99
CA GLY D 117 -7.91 -26.34 10.17
C GLY D 117 -8.01 -25.59 11.48
N LEU D 118 -9.22 -25.16 11.86
CA LEU D 118 -9.53 -24.46 13.12
C LEU D 118 -9.37 -25.39 14.33
N TYR D 119 -9.57 -26.71 14.14
CA TYR D 119 -9.46 -27.75 15.18
C TYR D 119 -8.12 -27.75 15.94
N ARG D 120 -7.03 -27.32 15.27
CA ARG D 120 -5.65 -27.23 15.80
C ARG D 120 -5.47 -26.15 16.87
N ASP D 121 -6.27 -25.07 16.82
CA ASP D 121 -6.23 -23.95 17.77
C ASP D 121 -7.40 -24.11 18.74
N THR D 122 -7.11 -24.39 20.02
CA THR D 122 -8.14 -24.57 21.05
C THR D 122 -8.58 -23.24 21.65
N VAL D 123 -7.70 -22.23 21.62
CA VAL D 123 -7.98 -20.87 22.11
C VAL D 123 -9.08 -20.24 21.24
N ARG D 124 -8.82 -20.15 19.91
CA ARG D 124 -9.70 -19.64 18.87
C ARG D 124 -11.01 -20.44 18.84
N LEU D 125 -10.91 -21.78 18.83
CA LEU D 125 -11.99 -22.76 18.84
C LEU D 125 -13.11 -22.36 19.82
N TRP D 126 -12.79 -22.29 21.12
CA TRP D 126 -13.74 -21.92 22.17
C TRP D 126 -14.08 -20.45 22.15
N ARG D 127 -13.08 -19.55 21.87
CA ARG D 127 -13.32 -18.10 21.79
C ARG D 127 -14.42 -17.79 20.80
N LEU D 128 -14.19 -18.13 19.48
CA LEU D 128 -15.13 -17.97 18.36
C LEU D 128 -16.48 -18.61 18.68
N PHE D 129 -16.47 -19.77 19.38
CA PHE D 129 -17.67 -20.48 19.82
C PHE D 129 -18.49 -19.67 20.85
N ARG D 130 -17.82 -19.10 21.87
CA ARG D 130 -18.49 -18.29 22.89
C ARG D 130 -19.03 -16.98 22.28
N GLU D 131 -18.35 -16.48 21.21
CA GLU D 131 -18.76 -15.31 20.44
C GLU D 131 -20.00 -15.64 19.63
N ILE D 132 -20.19 -16.92 19.22
CA ILE D 132 -21.41 -17.36 18.53
C ILE D 132 -22.53 -17.37 19.57
N LEU D 133 -22.26 -17.89 20.79
CA LEU D 133 -23.23 -17.92 21.90
C LEU D 133 -23.63 -16.53 22.35
N ASP D 134 -22.68 -15.57 22.41
CA ASP D 134 -22.93 -14.18 22.84
C ASP D 134 -23.98 -13.51 21.98
N GLY D 135 -23.80 -13.62 20.66
CA GLY D 135 -24.67 -13.03 19.65
C GLY D 135 -25.98 -13.76 19.56
N LEU D 136 -25.95 -15.08 19.81
CA LEU D 136 -27.13 -15.96 19.80
C LEU D 136 -28.01 -15.71 21.01
N ALA D 137 -27.39 -15.48 22.19
CA ALA D 137 -28.09 -15.14 23.44
C ALA D 137 -28.83 -13.82 23.29
N TYR D 138 -28.24 -12.87 22.53
CA TYR D 138 -28.81 -11.56 22.23
C TYR D 138 -30.14 -11.70 21.41
N ILE D 139 -30.15 -12.54 20.35
CA ILE D 139 -31.33 -12.80 19.50
C ILE D 139 -32.43 -13.46 20.34
N HIS D 140 -32.02 -14.37 21.23
CA HIS D 140 -32.96 -15.10 22.07
C HIS D 140 -33.60 -14.21 23.13
N GLU D 141 -32.86 -13.16 23.61
CA GLU D 141 -33.34 -12.14 24.56
C GLU D 141 -34.56 -11.41 23.99
N LYS D 142 -34.59 -11.16 22.66
CA LYS D 142 -35.69 -10.52 21.93
C LYS D 142 -36.90 -11.44 21.81
N GLY D 143 -36.68 -12.74 21.96
CA GLY D 143 -37.70 -13.77 21.80
C GLY D 143 -37.77 -14.20 20.35
N MET D 144 -36.58 -14.21 19.68
CA MET D 144 -36.42 -14.55 18.27
C MET D 144 -35.59 -15.79 18.10
N ILE D 145 -35.87 -16.51 16.99
CA ILE D 145 -35.15 -17.70 16.55
C ILE D 145 -34.46 -17.28 15.25
N HIS D 146 -33.14 -17.57 15.10
CA HIS D 146 -32.39 -17.23 13.89
C HIS D 146 -32.85 -18.08 12.71
N ARG D 147 -32.98 -19.41 12.96
CA ARG D 147 -33.42 -20.46 12.03
C ARG D 147 -32.33 -20.88 11.08
N ASN D 148 -31.63 -19.90 10.47
CA ASN D 148 -30.57 -20.06 9.47
C ASN D 148 -29.15 -19.89 10.04
N LEU D 149 -28.78 -20.77 10.98
CA LEU D 149 -27.43 -20.79 11.58
C LEU D 149 -26.70 -21.95 10.93
N LYS D 150 -25.63 -21.64 10.21
CA LYS D 150 -24.81 -22.59 9.46
C LYS D 150 -23.45 -21.93 9.28
N PRO D 151 -22.34 -22.70 9.08
CA PRO D 151 -21.02 -22.06 8.99
C PRO D 151 -20.79 -21.20 7.75
N VAL D 152 -21.69 -21.26 6.75
CA VAL D 152 -21.65 -20.46 5.51
C VAL D 152 -22.44 -19.15 5.68
N ASN D 153 -23.00 -18.93 6.90
CA ASN D 153 -23.75 -17.75 7.30
C ASN D 153 -23.22 -17.19 8.66
N ILE D 154 -21.95 -17.50 8.97
CA ILE D 154 -21.20 -17.03 10.14
C ILE D 154 -19.87 -16.56 9.55
N PHE D 155 -19.52 -15.27 9.76
CA PHE D 155 -18.38 -14.57 9.18
C PHE D 155 -17.35 -14.10 10.21
N LEU D 156 -16.13 -13.81 9.74
CA LEU D 156 -15.03 -13.34 10.57
C LEU D 156 -14.56 -11.97 10.10
N ASP D 157 -14.64 -10.97 10.99
CA ASP D 157 -14.18 -9.62 10.66
C ASP D 157 -12.65 -9.50 10.78
N SER D 158 -12.10 -8.33 10.40
CA SER D 158 -10.66 -7.99 10.45
C SER D 158 -9.94 -8.45 11.73
N ASP D 159 -10.54 -8.19 12.93
CA ASP D 159 -9.99 -8.56 14.24
C ASP D 159 -10.31 -9.99 14.67
N ASP D 160 -10.71 -10.88 13.71
CA ASP D 160 -11.01 -12.30 13.89
C ASP D 160 -12.18 -12.55 14.84
N HIS D 161 -13.25 -11.74 14.71
CA HIS D 161 -14.46 -11.81 15.54
C HIS D 161 -15.65 -12.32 14.80
N VAL D 162 -16.39 -13.23 15.44
CA VAL D 162 -17.58 -13.87 14.89
C VAL D 162 -18.68 -12.85 14.68
N LYS D 163 -19.28 -12.86 13.49
CA LYS D 163 -20.37 -12.00 13.09
C LYS D 163 -21.42 -12.89 12.44
N ILE D 164 -22.47 -13.21 13.20
CA ILE D 164 -23.60 -14.03 12.76
C ILE D 164 -24.29 -13.32 11.59
N GLY D 165 -24.51 -14.07 10.51
CA GLY D 165 -25.12 -13.54 9.30
C GLY D 165 -26.59 -13.21 9.44
N ASP D 166 -27.15 -12.58 8.41
CA ASP D 166 -28.57 -12.24 8.34
C ASP D 166 -29.38 -13.53 8.08
N PHE D 167 -30.68 -13.48 8.33
CA PHE D 167 -31.60 -14.61 8.18
C PHE D 167 -31.73 -15.02 6.69
N GLY D 168 -32.61 -14.32 5.95
CA GLY D 168 -32.89 -14.56 4.54
C GLY D 168 -33.74 -15.78 4.23
N LEU D 169 -35.09 -15.79 4.63
CA LEU D 169 -36.12 -16.84 4.37
C LEU D 169 -37.62 -16.52 4.93
N ALA D 170 -38.02 -17.13 6.12
CA ALA D 170 -39.33 -17.26 6.81
C ALA D 170 -39.67 -16.31 8.03
N THR D 171 -40.39 -16.87 9.08
CA THR D 171 -40.86 -16.27 10.36
C THR D 171 -39.76 -16.47 11.42
N ASP D 172 -39.46 -15.43 12.22
CA ASP D 172 -38.39 -15.57 13.20
C ASP D 172 -38.83 -15.19 14.65
N HIS D 173 -40.03 -15.67 15.07
CA HIS D 173 -40.60 -15.36 16.38
C HIS D 173 -41.28 -16.52 17.13
N LEU D 174 -40.66 -16.93 18.26
CA LEU D 174 -41.05 -18.04 19.16
C LEU D 174 -42.41 -17.86 19.90
N ALA D 175 -43.55 -17.95 19.17
CA ALA D 175 -44.91 -17.83 19.71
C ALA D 175 -45.90 -18.55 18.80
N ALA D 205 -29.29 -27.51 6.16
CA ALA D 205 -29.88 -28.80 5.78
C ALA D 205 -29.68 -29.89 6.88
N LEU D 206 -28.41 -30.12 7.28
CA LEU D 206 -28.01 -31.07 8.33
C LEU D 206 -28.07 -30.36 9.69
N TYR D 207 -28.11 -29.01 9.69
CA TYR D 207 -28.13 -28.16 10.89
C TYR D 207 -29.55 -27.93 11.37
N VAL D 208 -30.54 -28.39 10.60
CA VAL D 208 -31.96 -28.24 10.95
C VAL D 208 -32.30 -29.20 12.09
N SER D 209 -32.95 -28.66 13.16
CA SER D 209 -33.33 -29.41 14.36
C SER D 209 -34.33 -30.54 14.01
N PRO D 210 -34.28 -31.73 14.69
CA PRO D 210 -35.23 -32.81 14.34
C PRO D 210 -36.70 -32.40 14.52
N GLU D 211 -36.98 -31.55 15.54
CA GLU D 211 -38.32 -31.03 15.84
C GLU D 211 -38.94 -30.22 14.68
N VAL D 212 -38.12 -29.59 13.81
CA VAL D 212 -38.57 -28.79 12.66
C VAL D 212 -38.98 -29.68 11.45
N GLN D 213 -38.29 -30.84 11.25
CA GLN D 213 -38.52 -31.81 10.17
C GLN D 213 -39.99 -32.21 9.99
N SER D 218 -47.89 -21.33 17.12
CA SER D 218 -47.71 -22.02 15.83
C SER D 218 -46.25 -21.98 15.30
N ALA D 219 -45.29 -21.41 16.09
CA ALA D 219 -43.87 -21.29 15.75
C ALA D 219 -42.94 -21.90 16.83
N TYR D 220 -41.84 -22.57 16.39
CA TYR D 220 -40.83 -23.32 17.16
C TYR D 220 -40.11 -22.56 18.32
N ASN D 221 -39.22 -23.28 19.04
CA ASN D 221 -38.46 -22.76 20.18
C ASN D 221 -37.11 -22.20 19.71
N GLN D 222 -36.38 -21.56 20.64
CA GLN D 222 -35.05 -20.98 20.47
C GLN D 222 -33.97 -22.07 20.58
N LYS D 223 -34.38 -23.27 21.05
CA LYS D 223 -33.52 -24.45 21.19
C LYS D 223 -33.16 -25.05 19.81
N VAL D 224 -33.79 -24.51 18.73
CA VAL D 224 -33.60 -24.84 17.31
C VAL D 224 -32.17 -24.43 16.90
N ASP D 225 -31.76 -23.18 17.25
CA ASP D 225 -30.44 -22.66 16.94
C ASP D 225 -29.37 -23.31 17.80
N LEU D 226 -29.77 -23.84 18.97
CA LEU D 226 -28.84 -24.52 19.88
C LEU D 226 -28.51 -25.93 19.39
N PHE D 227 -29.40 -26.51 18.54
CA PHE D 227 -29.14 -27.78 17.87
C PHE D 227 -28.09 -27.52 16.76
N SER D 228 -28.34 -26.49 15.91
CA SER D 228 -27.45 -26.05 14.81
C SER D 228 -26.05 -25.76 15.35
N LEU D 229 -25.95 -25.01 16.48
CA LEU D 229 -24.69 -24.69 17.17
C LEU D 229 -23.92 -25.94 17.61
N GLY D 230 -24.64 -27.00 17.96
CA GLY D 230 -24.06 -28.28 18.36
C GLY D 230 -23.31 -28.95 17.21
N ILE D 231 -23.91 -28.92 15.98
CA ILE D 231 -23.36 -29.46 14.72
C ILE D 231 -22.16 -28.61 14.30
N ILE D 232 -22.34 -27.26 14.31
CA ILE D 232 -21.30 -26.28 13.96
C ILE D 232 -20.10 -26.42 14.89
N PHE D 233 -20.35 -26.59 16.22
CA PHE D 233 -19.25 -26.76 17.19
C PHE D 233 -18.49 -28.04 16.97
N PHE D 234 -19.16 -29.13 16.55
CA PHE D 234 -18.44 -30.39 16.26
C PHE D 234 -17.46 -30.16 15.10
N GLU D 235 -17.95 -29.48 14.03
CA GLU D 235 -17.21 -29.12 12.81
C GLU D 235 -16.01 -28.25 13.11
N MET D 236 -16.19 -27.27 14.03
CA MET D 236 -15.16 -26.37 14.52
C MET D 236 -14.07 -27.18 15.27
N SER D 237 -14.49 -28.25 15.97
CA SER D 237 -13.69 -29.16 16.80
C SER D 237 -12.97 -30.29 16.04
N TYR D 238 -13.58 -30.81 14.96
CA TYR D 238 -13.08 -31.91 14.13
C TYR D 238 -12.18 -31.40 12.99
N HIS D 239 -11.42 -32.32 12.36
CA HIS D 239 -10.54 -31.98 11.24
C HIS D 239 -11.37 -31.59 10.00
N PRO D 240 -10.81 -30.88 8.99
CA PRO D 240 -11.61 -30.55 7.81
C PRO D 240 -12.10 -31.78 7.06
N MET D 241 -13.42 -31.86 6.87
CA MET D 241 -14.09 -32.93 6.14
C MET D 241 -14.37 -32.40 4.75
N VAL D 242 -13.36 -32.52 3.89
CA VAL D 242 -13.29 -32.04 2.51
C VAL D 242 -14.37 -32.65 1.60
N THR D 243 -14.40 -33.99 1.54
CA THR D 243 -15.32 -34.76 0.71
C THR D 243 -16.74 -34.69 1.25
N ALA D 244 -17.73 -34.72 0.34
CA ALA D 244 -19.15 -34.71 0.65
C ALA D 244 -19.57 -36.03 1.30
N SER D 245 -18.84 -37.10 0.95
CA SER D 245 -19.00 -38.46 1.46
C SER D 245 -18.66 -38.55 2.95
N GLU D 246 -17.51 -37.94 3.37
CA GLU D 246 -17.10 -37.95 4.78
C GLU D 246 -18.00 -37.06 5.61
N ARG D 247 -18.27 -35.83 5.15
CA ARG D 247 -19.09 -34.86 5.86
C ARG D 247 -20.48 -35.41 6.11
N ILE D 248 -21.20 -35.84 5.05
CA ILE D 248 -22.58 -36.36 5.18
C ILE D 248 -22.61 -37.65 6.05
N PHE D 249 -21.54 -38.46 6.07
CA PHE D 249 -21.54 -39.64 6.92
C PHE D 249 -21.21 -39.31 8.38
N VAL D 250 -20.10 -38.56 8.60
CA VAL D 250 -19.59 -38.16 9.92
C VAL D 250 -20.60 -37.26 10.65
N LEU D 251 -21.33 -36.42 9.91
CA LEU D 251 -22.34 -35.57 10.51
C LEU D 251 -23.65 -36.31 10.73
N ASN D 252 -23.82 -37.49 10.09
CA ASN D 252 -25.02 -38.32 10.27
C ASN D 252 -24.89 -39.25 11.49
N GLN D 253 -23.66 -39.80 11.73
CA GLN D 253 -23.36 -40.60 12.94
C GLN D 253 -22.88 -39.66 14.06
N LEU D 254 -23.75 -38.66 14.32
CA LEU D 254 -23.68 -37.52 15.23
C LEU D 254 -25.11 -36.94 15.34
N ARG D 255 -25.88 -37.00 14.22
CA ARG D 255 -27.26 -36.49 14.13
C ARG D 255 -28.28 -37.46 14.72
N ASP D 256 -28.08 -38.77 14.48
CA ASP D 256 -28.94 -39.90 14.90
C ASP D 256 -29.43 -39.81 16.37
N PRO D 257 -30.75 -39.98 16.64
CA PRO D 257 -31.23 -39.87 18.05
C PRO D 257 -30.78 -41.03 18.93
N THR D 258 -30.94 -42.27 18.41
CA THR D 258 -30.55 -43.53 19.07
C THR D 258 -29.03 -43.62 19.21
N SER D 259 -28.27 -43.49 18.09
CA SER D 259 -26.82 -43.56 18.16
C SER D 259 -26.08 -42.27 17.69
N PRO D 260 -25.97 -41.21 18.54
CA PRO D 260 -25.18 -40.02 18.17
C PRO D 260 -23.68 -40.34 18.43
N LYS D 261 -23.22 -41.42 17.75
CA LYS D 261 -21.98 -42.19 17.80
C LYS D 261 -20.66 -41.43 17.97
N PHE D 262 -20.41 -40.33 17.22
CA PHE D 262 -19.12 -39.56 17.22
C PHE D 262 -18.00 -40.37 16.52
N PRO D 263 -17.07 -39.75 15.77
CA PRO D 263 -15.99 -40.53 15.13
C PRO D 263 -14.94 -41.03 16.13
N GLU D 264 -14.21 -42.10 15.77
CA GLU D 264 -13.19 -42.75 16.62
C GLU D 264 -11.94 -41.88 16.83
N ASP D 265 -11.43 -41.19 15.78
CA ASP D 265 -10.24 -40.32 15.88
C ASP D 265 -10.46 -39.13 16.84
N PHE D 266 -11.73 -38.76 17.08
CA PHE D 266 -12.20 -37.69 17.95
C PHE D 266 -12.72 -38.33 19.26
N ASP D 267 -11.81 -38.62 20.21
CA ASP D 267 -12.20 -39.26 21.47
C ASP D 267 -11.70 -38.57 22.74
N ASP D 268 -12.37 -38.86 23.89
CA ASP D 268 -12.10 -38.35 25.24
C ASP D 268 -10.64 -38.60 25.64
N GLY D 269 -9.96 -37.53 26.05
CA GLY D 269 -8.56 -37.52 26.40
C GLY D 269 -7.83 -36.39 25.71
N GLU D 270 -8.38 -35.94 24.56
CA GLU D 270 -7.88 -34.83 23.75
C GLU D 270 -9.00 -33.77 23.66
N HIS D 271 -10.23 -34.21 23.28
CA HIS D 271 -11.44 -33.38 23.05
C HIS D 271 -12.64 -33.82 23.91
N ALA D 272 -12.39 -34.16 25.18
CA ALA D 272 -13.41 -34.63 26.11
C ALA D 272 -14.47 -33.59 26.46
N LYS D 273 -14.03 -32.35 26.86
CA LYS D 273 -14.86 -31.22 27.29
C LYS D 273 -15.82 -30.73 26.19
N GLN D 274 -15.30 -30.70 24.94
CA GLN D 274 -16.00 -30.31 23.71
C GLN D 274 -17.14 -31.28 23.44
N LYS D 275 -16.86 -32.61 23.56
CA LYS D 275 -17.81 -33.71 23.39
C LYS D 275 -19.03 -33.59 24.34
N SER D 276 -18.80 -33.06 25.57
CA SER D 276 -19.85 -32.82 26.58
C SER D 276 -20.76 -31.68 26.10
N VAL D 277 -20.16 -30.58 25.56
CA VAL D 277 -20.86 -29.39 25.03
C VAL D 277 -21.71 -29.80 23.81
N ILE D 278 -21.16 -30.66 22.92
CA ILE D 278 -21.84 -31.13 21.71
C ILE D 278 -23.06 -32.04 22.05
N SER D 279 -22.89 -33.01 22.96
CA SER D 279 -23.94 -33.95 23.39
C SER D 279 -25.11 -33.25 24.10
N TRP D 280 -24.78 -32.22 24.90
CA TRP D 280 -25.69 -31.34 25.65
C TRP D 280 -26.60 -30.66 24.61
N LEU D 281 -26.00 -29.98 23.60
CA LEU D 281 -26.66 -29.24 22.51
C LEU D 281 -27.44 -30.09 21.51
N LEU D 282 -26.84 -31.20 21.02
CA LEU D 282 -27.45 -32.09 20.03
C LEU D 282 -28.59 -33.00 20.55
N ASN D 283 -28.83 -33.03 21.89
CA ASN D 283 -29.88 -33.81 22.56
C ASN D 283 -31.18 -33.80 21.75
N HIS D 284 -31.80 -34.96 21.54
CA HIS D 284 -33.03 -35.04 20.77
C HIS D 284 -34.13 -34.17 21.37
N ASP D 285 -34.40 -34.36 22.66
CA ASP D 285 -35.42 -33.59 23.34
C ASP D 285 -35.00 -32.13 23.50
N PRO D 286 -35.69 -31.23 22.78
CA PRO D 286 -35.38 -29.80 22.86
C PRO D 286 -35.42 -29.32 24.30
N ALA D 287 -36.34 -29.88 25.08
CA ALA D 287 -36.48 -29.54 26.50
C ALA D 287 -35.20 -29.72 27.32
N LYS D 288 -34.42 -30.79 27.04
CA LYS D 288 -33.16 -31.01 27.74
C LYS D 288 -31.95 -30.55 26.89
N ARG D 289 -32.05 -29.33 26.33
CA ARG D 289 -31.00 -28.62 25.58
C ARG D 289 -30.74 -27.32 26.35
N PRO D 290 -29.48 -26.82 26.45
CA PRO D 290 -29.26 -25.58 27.21
C PRO D 290 -29.71 -24.33 26.48
N THR D 291 -30.01 -23.24 27.22
CA THR D 291 -30.33 -21.95 26.60
C THR D 291 -28.96 -21.35 26.31
N ALA D 292 -28.89 -20.32 25.44
CA ALA D 292 -27.59 -19.73 25.12
C ALA D 292 -26.93 -19.09 26.34
N THR D 293 -27.74 -18.44 27.21
CA THR D 293 -27.31 -17.83 28.47
C THR D 293 -26.80 -18.93 29.44
N GLU D 294 -27.50 -20.09 29.46
CA GLU D 294 -27.19 -21.28 30.26
C GLU D 294 -25.82 -21.90 29.91
N LEU D 295 -25.53 -22.03 28.60
CA LEU D 295 -24.29 -22.62 28.10
C LEU D 295 -23.07 -21.71 28.34
N LEU D 296 -23.28 -20.37 28.40
CA LEU D 296 -22.22 -19.39 28.68
C LEU D 296 -21.84 -19.45 30.17
N LYS D 297 -22.84 -19.74 31.03
CA LYS D 297 -22.77 -19.89 32.50
C LYS D 297 -21.93 -21.13 32.87
N SER D 298 -22.10 -22.25 32.12
CA SER D 298 -21.43 -23.54 32.31
C SER D 298 -19.91 -23.47 32.49
N GLU D 299 -19.39 -24.40 33.33
CA GLU D 299 -17.98 -24.57 33.66
C GLU D 299 -17.25 -25.34 32.54
N LEU D 300 -18.01 -25.83 31.52
CA LEU D 300 -17.50 -26.56 30.36
C LEU D 300 -16.75 -25.62 29.42
N LEU D 301 -17.28 -24.40 29.24
CA LEU D 301 -16.73 -23.35 28.41
C LEU D 301 -15.65 -22.58 29.17
N PRO D 302 -14.34 -22.69 28.78
CA PRO D 302 -13.27 -21.94 29.48
C PRO D 302 -13.53 -20.42 29.59
N PRO D 303 -13.14 -19.80 30.75
CA PRO D 303 -13.43 -18.36 30.99
C PRO D 303 -13.08 -17.40 29.85
N PRO D 304 -13.89 -16.32 29.66
CA PRO D 304 -13.61 -15.36 28.57
C PRO D 304 -12.31 -14.57 28.76
N GLN D 305 -11.18 -15.12 28.25
CA GLN D 305 -9.86 -14.51 28.33
C GLN D 305 -9.75 -13.25 27.44
N MET D 306 -10.30 -12.11 27.93
CA MET D 306 -10.34 -10.81 27.25
C MET D 306 -10.43 -9.63 28.24
C1 38O E . -36.37 19.35 25.15
C3 38O E . -36.24 17.04 24.51
C4 38O E . -35.33 15.93 23.99
C6 38O E . -34.05 17.59 22.79
C7 38O E . -34.97 18.66 23.32
C8 38O E . -34.15 15.31 21.96
C12 38O E . -31.20 13.22 19.22
N13 38O E . -32.15 12.44 19.68
C15 38O E . -34.07 12.99 21.24
C16 38O E . -34.66 14.01 21.97
C17 38O E . -30.11 12.82 18.30
C18 38O E . -29.29 13.75 17.70
C21 38O E . -27.32 14.08 16.14
C23 38O E . -26.34 13.59 15.32
C24 38O E . -26.24 12.22 15.15
O29 38O E . -30.70 10.56 18.64
N2 38O E . -35.50 18.29 24.63
N5 38O E . -34.75 16.32 22.70
C9 38O E . -33.00 15.59 21.21
C10 38O E . -32.41 14.55 20.48
N11 38O E . -31.30 14.50 19.65
C14 38O E . -32.93 13.26 20.49
N19 38O E . -29.40 15.07 17.87
C20 38O E . -28.23 13.27 16.82
F22 38O E . -27.42 15.42 16.31
C25 38O E . -27.12 11.36 15.80
C26 38O E . -28.11 11.87 16.63
N27 38O E . -28.98 11.01 17.28
C28 38O E . -29.98 11.40 18.11
C1 38O F . 2.18 9.94 -13.89
C3 38O F . 3.74 11.53 -14.80
C4 38O F . 4.50 12.82 -14.56
C6 38O F . 4.58 12.28 -12.20
C7 38O F . 3.82 11.01 -12.48
C8 38O F . 6.59 12.09 -13.55
C12 38O F . 10.92 10.95 -12.82
N13 38O F . 10.39 10.40 -13.90
C15 38O F . 8.05 10.64 -14.84
C16 38O F . 6.82 11.24 -14.64
C17 38O F . 12.30 10.76 -12.33
C18 38O F . 12.72 11.25 -11.11
C21 38O F . 14.68 11.47 -9.52
C23 38O F . 15.98 11.22 -9.16
C24 38O F . 16.77 10.50 -10.04
O29 38O F . 12.79 9.56 -14.30
N2 38O F . 2.93 11.16 -13.64
N5 38O F . 5.35 12.68 -13.37
C9 38O F . 7.62 12.33 -12.64
C10 38O F . 8.86 11.71 -12.84
N11 38O F . 10.05 11.75 -12.14
C14 38O F . 9.08 10.87 -13.93
N19 38O F . 11.93 11.96 -10.29
C20 38O F . 14.10 11.03 -10.70
F22 38O F . 13.90 12.17 -8.66
C25 38O F . 16.25 10.04 -11.23
C26 38O F . 14.93 10.29 -11.58
N27 38O F . 14.42 9.82 -12.78
C28 38O F . 13.16 10.01 -13.21
C1 38O G . 48.95 -4.96 -22.76
C3 38O G . 46.58 -5.20 -22.97
C4 38O G . 45.23 -4.92 -22.33
C6 38O G . 46.15 -2.91 -21.36
C7 38O G . 47.48 -3.22 -22.01
C8 38O G . 43.77 -3.03 -21.87
C12 38O G . 39.71 -1.10 -22.46
N13 38O G . 39.90 -1.59 -21.25
C15 38O G . 41.93 -2.76 -20.29
C16 38O G . 43.21 -3.21 -20.59
C17 38O G . 38.48 -0.42 -22.95
C18 38O G . 38.35 -0.01 -24.25
C21 38O G . 36.82 1.11 -25.93
C23 38O G . 35.63 1.73 -26.26
C24 38O G . 34.68 1.88 -25.29
O29 38O G . 37.57 -0.59 -20.78
N2 38O G . 47.65 -4.66 -22.16
N5 38O G . 45.05 -3.48 -22.13
C9 38O G . 43.03 -2.38 -22.86
C10 38O G . 41.74 -1.94 -22.55
N11 38O G . 40.78 -1.28 -23.29
C14 38O G . 41.19 -2.12 -21.28
N19 38O G . 39.29 -0.19 -25.19
C20 38O G . 37.10 0.64 -24.65
F22 38O G . 37.76 0.94 -26.89
C25 38O G . 34.90 1.45 -23.99
C26 38O G . 36.11 0.82 -23.67
N27 38O G . 36.33 0.38 -22.37
C28 38O G . 37.47 -0.24 -21.94
C1 38O H . -12.83 -18.44 -2.59
C3 38O H . -13.46 -17.63 -0.42
C4 38O H . -14.47 -16.81 0.37
C6 38O H . -14.84 -15.44 -1.59
C7 38O H . -13.82 -16.26 -2.35
C8 38O H . -15.15 -14.49 0.63
C12 38O H . -18.41 -12.22 2.85
N13 38O H . -17.19 -11.70 2.97
C15 38O H . -14.99 -12.50 2.01
C16 38O H . -14.40 -13.46 1.21
C17 38O H . -19.65 -11.69 3.45
C18 38O H . -20.87 -12.30 3.25
C21 38O H . -23.35 -12.23 3.76
C23 38O H . -24.43 -11.65 4.37
C24 38O H . -24.24 -10.51 5.14
O29 38O H . -18.41 -9.96 4.45
N2 38O H . -13.79 -17.64 -1.84
N5 38O H . -14.55 -15.45 -0.16
C9 38O H . -16.53 -14.53 0.86
C10 38O H . -17.12 -13.56 1.65
N11 38O H . -18.42 -13.33 2.07
C14 38O H . -16.36 -12.54 2.23
N19 38O H . -21.04 -13.40 2.50
C20 38O H . -22.05 -11.73 3.87
F22 38O H . -23.54 -13.34 3.01
C25 38O H . -22.97 -9.98 5.28
C26 38O H . -21.88 -10.56 4.66
N27 38O H . -20.60 -10.02 4.81
C28 38O H . -19.48 -10.52 4.25
#